data_9DGW
#
_entry.id   9DGW
#
_cell.length_a   51.569
_cell.length_b   80.309
_cell.length_c   105.613
_cell.angle_alpha   90.00
_cell.angle_beta   96.71
_cell.angle_gamma   90.00
#
_symmetry.space_group_name_H-M   'P 1 21 1'
#
loop_
_entity.id
_entity.type
_entity.pdbx_description
1 polymer 'Radical SAM core domain-containing protein'
2 non-polymer "CYTIDINE-5'-TRIPHOSPHATE"
3 non-polymer 'IRON/SULFUR CLUSTER'
4 non-polymer S-ADENOSYLMETHIONINE
5 water water
#
_entity_poly.entity_id   1
_entity_poly.type   'polypeptide(L)'
_entity_poly.pdbx_seq_one_letter_code
;MHHHHHHSSGVDLGTENLYFQSMGQVPVSVNYHFSRKCNKECLFCFHTATTSHVEKPENAKRGLTLLKQAGMKKINFAGG
EPFLYPKFLGEMIDFCKETLQLESVSIVTNGSLVKEQFLQKHGRNIDILAVSCDSFNEATNIKIGRGSGDNVQKLYEIGS
WCQKYDIKFKLNTVVNKFNHLEDMNDHLNALQPFRWKCFQVLIVTGENDSDKTLRNAHSLTISDDEFDRFCERHSSQTCL
VPEPNRLMAKSYLILDEYMRFLDRNGQQPSKSILEVGVQQALQAVFWDEEAFVERGGIYDWNKSSCSSDSKDLEW
;
_entity_poly.pdbx_strand_id   A,B,C
#
loop_
_chem_comp.id
_chem_comp.type
_chem_comp.name
_chem_comp.formula
CTP non-polymer CYTIDINE-5'-TRIPHOSPHATE 'C9 H16 N3 O14 P3'
SAM non-polymer S-ADENOSYLMETHIONINE 'C15 H22 N6 O5 S'
SF4 non-polymer 'IRON/SULFUR CLUSTER' 'Fe4 S4'
#
# COMPACT_ATOMS: atom_id res chain seq x y z
N GLY A 24 -21.54 1.48 32.96
CA GLY A 24 -20.32 2.28 33.14
C GLY A 24 -19.10 1.63 32.46
N GLN A 25 -18.04 2.41 32.29
CA GLN A 25 -16.86 1.93 31.60
C GLN A 25 -16.08 0.97 32.50
N VAL A 26 -15.35 0.03 31.91
CA VAL A 26 -14.52 -0.84 32.71
C VAL A 26 -13.10 -0.28 32.71
N PRO A 27 -12.53 0.06 33.90
CA PRO A 27 -11.22 0.71 33.95
C PRO A 27 -10.09 -0.30 33.83
N VAL A 28 -9.88 -0.75 32.60
CA VAL A 28 -9.04 -1.92 32.34
C VAL A 28 -7.56 -1.62 32.60
N SER A 29 -7.13 -0.38 32.33
CA SER A 29 -5.72 -0.01 32.39
C SER A 29 -5.63 1.40 32.98
N VAL A 30 -4.99 1.54 34.14
CA VAL A 30 -5.12 2.77 34.93
C VAL A 30 -3.74 3.30 35.29
N ASN A 31 -3.54 4.60 35.12
CA ASN A 31 -2.35 5.26 35.59
C ASN A 31 -2.60 5.89 36.96
N TYR A 32 -1.78 5.53 37.92
CA TYR A 32 -1.87 6.12 39.24
C TYR A 32 -0.67 7.07 39.42
N HIS A 33 -0.94 8.38 39.33
CA HIS A 33 0.05 9.41 39.62
C HIS A 33 0.06 9.67 41.13
N PHE A 34 0.73 8.78 41.84
CA PHE A 34 0.55 8.69 43.29
C PHE A 34 1.22 9.79 44.08
N SER A 35 2.16 10.48 43.43
CA SER A 35 2.85 11.63 43.99
C SER A 35 3.08 12.64 42.89
N ARG A 36 3.21 13.92 43.24
CA ARG A 36 3.56 14.92 42.25
C ARG A 36 4.97 15.46 42.44
N LYS A 37 5.72 14.97 43.43
CA LYS A 37 7.09 15.49 43.61
C LYS A 37 7.99 14.99 42.48
N CYS A 38 8.94 15.83 42.04
CA CYS A 38 9.92 15.37 41.08
C CYS A 38 11.25 16.13 41.22
N ASN A 39 12.33 15.41 40.91
CA ASN A 39 13.72 15.81 41.04
C ASN A 39 14.22 16.54 39.78
N LYS A 40 13.37 16.67 38.75
CA LYS A 40 13.81 17.18 37.46
C LYS A 40 12.95 18.40 37.10
N GLU A 41 13.19 18.98 35.91
CA GLU A 41 12.61 20.25 35.49
C GLU A 41 12.26 20.25 34.01
N CYS A 42 11.81 19.11 33.48
CA CYS A 42 11.40 19.00 32.08
C CYS A 42 10.47 20.17 31.71
N LEU A 43 10.84 20.94 30.67
CA LEU A 43 10.13 22.18 30.38
C LEU A 43 8.69 21.93 29.93
N PHE A 44 8.36 20.73 29.47
CA PHE A 44 7.04 20.44 28.95
C PHE A 44 6.11 19.76 29.97
N CYS A 45 6.66 19.40 31.14
CA CYS A 45 5.97 18.47 32.03
C CYS A 45 4.48 18.82 32.20
N PHE A 46 3.62 17.79 31.99
CA PHE A 46 2.19 18.04 32.09
C PHE A 46 1.59 17.47 33.38
N HIS A 47 2.42 17.04 34.35
CA HIS A 47 1.88 16.58 35.63
C HIS A 47 2.76 17.12 36.76
N THR A 48 2.54 18.39 37.11
CA THR A 48 3.50 19.21 37.82
C THR A 48 3.39 19.06 39.34
N ALA A 49 4.37 19.64 40.02
CA ALA A 49 4.54 19.44 41.46
C ALA A 49 3.73 20.46 42.27
N THR A 50 2.40 20.39 42.15
CA THR A 50 1.48 21.32 42.80
C THR A 50 1.18 20.94 44.26
N THR A 51 1.41 19.69 44.68
CA THR A 51 1.25 19.24 46.06
C THR A 51 2.32 18.22 46.39
N SER A 52 2.40 17.84 47.67
CA SER A 52 3.27 16.79 48.14
C SER A 52 2.45 15.67 48.80
N HIS A 53 1.11 15.69 48.69
CA HIS A 53 0.30 14.64 49.28
C HIS A 53 0.57 13.30 48.60
N VAL A 54 0.68 12.23 49.42
CA VAL A 54 0.62 10.83 49.01
C VAL A 54 -0.32 10.09 49.96
N GLU A 55 -1.14 9.17 49.43
CA GLU A 55 -1.98 8.34 50.29
C GLU A 55 -1.11 7.48 51.20
N LYS A 56 -1.63 7.21 52.40
CA LYS A 56 -1.08 6.18 53.26
C LYS A 56 -1.16 4.84 52.55
N PRO A 57 -0.16 3.95 52.73
CA PRO A 57 -0.16 2.64 52.08
C PRO A 57 -1.46 1.85 52.20
N GLU A 58 -1.99 1.75 53.43
CA GLU A 58 -3.24 1.04 53.68
C GLU A 58 -4.37 1.56 52.80
N ASN A 59 -4.45 2.87 52.59
CA ASN A 59 -5.51 3.46 51.78
C ASN A 59 -5.27 3.23 50.29
N ALA A 60 -4.03 3.42 49.82
CA ALA A 60 -3.73 3.08 48.44
C ALA A 60 -4.07 1.60 48.12
N LYS A 61 -3.75 0.67 49.02
CA LYS A 61 -4.04 -0.73 48.75
C LYS A 61 -5.54 -0.98 48.64
N ARG A 62 -6.32 -0.23 49.44
CA ARG A 62 -7.79 -0.35 49.42
C ARG A 62 -8.29 0.15 48.06
N GLY A 63 -7.75 1.29 47.63
CA GLY A 63 -8.16 1.80 46.35
C GLY A 63 -7.81 0.86 45.19
N LEU A 64 -6.60 0.29 45.21
CA LEU A 64 -6.16 -0.64 44.18
C LEU A 64 -7.07 -1.89 44.18
N THR A 65 -7.51 -2.31 45.37
CA THR A 65 -8.43 -3.44 45.49
C THR A 65 -9.77 -3.16 44.81
N LEU A 66 -10.36 -1.99 45.05
CA LEU A 66 -11.60 -1.57 44.41
C LEU A 66 -11.43 -1.54 42.89
N LEU A 67 -10.30 -1.00 42.38
CA LEU A 67 -10.06 -1.01 40.94
C LEU A 67 -9.98 -2.42 40.40
N LYS A 68 -9.28 -3.34 41.08
CA LYS A 68 -9.22 -4.74 40.66
C LYS A 68 -10.61 -5.34 40.51
N GLN A 69 -11.42 -5.11 41.54
CA GLN A 69 -12.79 -5.61 41.61
C GLN A 69 -13.65 -4.98 40.51
N ALA A 70 -13.32 -3.77 40.05
CA ALA A 70 -14.04 -3.15 38.94
C ALA A 70 -13.54 -3.63 37.57
N GLY A 71 -12.50 -4.45 37.50
CA GLY A 71 -12.03 -5.05 36.26
C GLY A 71 -10.68 -4.53 35.75
N MET A 72 -9.94 -3.83 36.60
CA MET A 72 -8.61 -3.39 36.25
C MET A 72 -7.73 -4.61 36.05
N LYS A 73 -6.99 -4.60 34.94
CA LYS A 73 -6.06 -5.62 34.54
C LYS A 73 -4.62 -5.14 34.62
N LYS A 74 -4.44 -3.83 34.37
CA LYS A 74 -3.12 -3.24 34.30
C LYS A 74 -3.08 -1.95 35.11
N ILE A 75 -1.99 -1.80 35.86
CA ILE A 75 -1.71 -0.59 36.65
C ILE A 75 -0.34 -0.05 36.26
N ASN A 76 -0.28 1.27 36.00
CA ASN A 76 0.98 1.95 35.73
C ASN A 76 1.16 2.94 36.87
N PHE A 77 2.28 2.82 37.59
CA PHE A 77 2.71 3.79 38.58
C PHE A 77 3.51 4.93 37.94
N ALA A 78 2.99 6.16 38.12
CA ALA A 78 3.54 7.38 37.53
C ALA A 78 3.49 8.51 38.54
N GLY A 79 3.60 9.75 38.08
CA GLY A 79 3.67 10.93 38.93
C GLY A 79 3.87 12.18 38.09
N GLY A 80 4.70 13.10 38.59
CA GLY A 80 5.66 12.82 39.64
C GLY A 80 6.72 11.77 39.26
N GLU A 81 7.80 11.73 40.03
CA GLU A 81 8.83 10.70 39.86
C GLU A 81 8.59 9.60 40.87
N PRO A 82 8.18 8.39 40.44
CA PRO A 82 7.93 7.31 41.39
C PRO A 82 9.08 6.87 42.28
N PHE A 83 10.32 6.93 41.77
CA PHE A 83 11.47 6.42 42.51
C PHE A 83 11.94 7.39 43.60
N LEU A 84 11.25 8.51 43.79
CA LEU A 84 11.43 9.30 45.01
C LEU A 84 10.74 8.64 46.22
N TYR A 85 9.85 7.66 45.96
CA TYR A 85 9.13 6.96 47.01
C TYR A 85 9.30 5.46 46.86
N PRO A 86 10.54 4.90 46.97
CA PRO A 86 10.75 3.47 46.73
C PRO A 86 10.11 2.53 47.73
N LYS A 87 9.91 3.00 48.98
CA LYS A 87 9.29 2.15 49.97
C LYS A 87 7.84 1.96 49.60
N PHE A 88 7.13 3.07 49.38
CA PHE A 88 5.74 3.04 48.97
C PHE A 88 5.57 2.29 47.65
N LEU A 89 6.38 2.64 46.63
CA LEU A 89 6.31 1.99 45.32
C LEU A 89 6.52 0.46 45.42
N GLY A 90 7.56 0.04 46.13
CA GLY A 90 7.78 -1.39 46.32
C GLY A 90 6.61 -2.08 47.01
N GLU A 91 5.98 -1.41 47.98
CA GLU A 91 4.89 -2.00 48.72
C GLU A 91 3.72 -2.22 47.76
N MET A 92 3.51 -1.27 46.85
CA MET A 92 2.31 -1.29 46.03
C MET A 92 2.48 -2.30 44.91
N ILE A 93 3.70 -2.39 44.36
CA ILE A 93 4.03 -3.37 43.32
C ILE A 93 3.89 -4.77 43.88
N ASP A 94 4.44 -5.05 45.07
CA ASP A 94 4.34 -6.37 45.68
C ASP A 94 2.88 -6.74 45.91
N PHE A 95 2.11 -5.80 46.46
CA PHE A 95 0.69 -5.99 46.69
C PHE A 95 -0.08 -6.30 45.41
N CYS A 96 0.15 -5.50 44.36
CA CYS A 96 -0.61 -5.60 43.13
C CYS A 96 -0.36 -6.95 42.45
N LYS A 97 0.85 -7.50 42.54
CA LYS A 97 1.09 -8.78 41.90
C LYS A 97 0.73 -9.92 42.85
N GLU A 98 1.31 -9.92 44.05
CA GLU A 98 1.22 -11.05 44.95
C GLU A 98 -0.19 -11.22 45.51
N THR A 99 -0.88 -10.10 45.82
CA THR A 99 -2.19 -10.17 46.45
C THR A 99 -3.28 -10.06 45.39
N LEU A 100 -3.25 -8.98 44.60
CA LEU A 100 -4.32 -8.68 43.68
C LEU A 100 -4.21 -9.53 42.40
N GLN A 101 -3.02 -10.04 42.10
CA GLN A 101 -2.78 -10.84 40.90
C GLN A 101 -3.15 -10.04 39.65
N LEU A 102 -2.79 -8.75 39.59
CA LEU A 102 -3.02 -7.99 38.39
C LEU A 102 -2.24 -8.60 37.24
N GLU A 103 -2.80 -8.51 36.02
CA GLU A 103 -2.17 -9.07 34.84
C GLU A 103 -0.87 -8.33 34.53
N SER A 104 -0.84 -7.03 34.74
CA SER A 104 0.33 -6.24 34.38
C SER A 104 0.51 -5.12 35.40
N VAL A 105 1.70 -5.11 36.00
CA VAL A 105 2.16 -4.06 36.90
C VAL A 105 3.31 -3.33 36.20
N SER A 106 3.13 -2.03 35.94
CA SER A 106 4.13 -1.24 35.24
C SER A 106 4.50 0.00 36.06
N ILE A 107 5.66 0.54 35.75
CA ILE A 107 6.14 1.81 36.31
C ILE A 107 6.71 2.65 35.16
N VAL A 108 6.55 3.96 35.20
CA VAL A 108 7.23 4.86 34.28
C VAL A 108 8.11 5.80 35.11
N THR A 109 9.41 5.92 34.75
CA THR A 109 10.37 6.63 35.58
C THR A 109 11.35 7.38 34.69
N ASN A 110 11.91 8.48 35.21
CA ASN A 110 13.00 9.18 34.53
C ASN A 110 14.32 8.41 34.64
N GLY A 111 14.37 7.39 35.50
CA GLY A 111 15.43 6.40 35.51
C GLY A 111 16.61 6.73 36.43
N SER A 112 16.70 8.00 36.84
CA SER A 112 17.87 8.51 37.56
C SER A 112 18.06 7.84 38.92
N LEU A 113 16.96 7.52 39.64
CA LEU A 113 17.00 7.03 41.01
C LEU A 113 16.78 5.53 41.10
N VAL A 114 16.65 4.84 39.96
CA VAL A 114 16.48 3.40 39.95
C VAL A 114 17.79 2.74 40.36
N LYS A 115 17.76 1.85 41.36
CA LYS A 115 18.94 1.09 41.73
C LYS A 115 18.70 -0.39 41.48
N GLU A 116 19.79 -1.11 41.15
CA GLU A 116 19.69 -2.50 40.80
C GLU A 116 19.01 -3.28 41.91
N GLN A 117 19.29 -2.92 43.17
CA GLN A 117 18.74 -3.62 44.34
C GLN A 117 17.21 -3.62 44.29
N PHE A 118 16.60 -2.57 43.73
CA PHE A 118 15.15 -2.49 43.73
C PHE A 118 14.59 -3.57 42.80
N LEU A 119 15.25 -3.73 41.65
CA LEU A 119 14.77 -4.69 40.68
C LEU A 119 15.03 -6.11 41.17
N GLN A 120 16.11 -6.30 41.94
CA GLN A 120 16.42 -7.60 42.51
C GLN A 120 15.36 -7.94 43.56
N LYS A 121 14.92 -6.96 44.34
CA LYS A 121 13.99 -7.24 45.42
C LYS A 121 12.57 -7.40 44.89
N HIS A 122 12.16 -6.58 43.90
CA HIS A 122 10.75 -6.46 43.52
C HIS A 122 10.47 -6.92 42.08
N GLY A 123 11.51 -7.37 41.38
CA GLY A 123 11.48 -7.73 39.96
C GLY A 123 10.48 -8.82 39.61
N ARG A 124 10.23 -9.79 40.51
CA ARG A 124 9.23 -10.81 40.22
C ARG A 124 7.83 -10.18 40.07
N ASN A 125 7.62 -8.98 40.66
CA ASN A 125 6.32 -8.35 40.71
C ASN A 125 6.20 -7.18 39.72
N ILE A 126 7.24 -6.92 38.92
CA ILE A 126 7.23 -5.88 37.91
C ILE A 126 7.13 -6.54 36.54
N ASP A 127 6.05 -6.26 35.83
CA ASP A 127 5.90 -6.77 34.48
C ASP A 127 6.69 -5.92 33.50
N ILE A 128 6.51 -4.59 33.60
CA ILE A 128 7.07 -3.65 32.65
C ILE A 128 7.74 -2.49 33.39
N LEU A 129 8.92 -2.10 32.93
CA LEU A 129 9.59 -0.90 33.43
C LEU A 129 9.81 0.04 32.25
N ALA A 130 9.10 1.18 32.25
CA ALA A 130 9.27 2.21 31.25
C ALA A 130 10.23 3.30 31.72
N VAL A 131 11.23 3.60 30.90
CA VAL A 131 12.16 4.67 31.21
C VAL A 131 11.97 5.80 30.21
N SER A 132 11.85 7.04 30.70
CA SER A 132 11.63 8.21 29.89
C SER A 132 12.96 8.86 29.53
N CYS A 133 13.24 8.90 28.23
CA CYS A 133 14.46 9.49 27.69
C CYS A 133 14.13 10.04 26.31
N ASP A 134 14.21 11.35 26.15
CA ASP A 134 13.63 11.95 24.97
C ASP A 134 14.66 12.08 23.86
N SER A 135 15.94 11.86 24.17
CA SER A 135 17.00 12.02 23.18
C SER A 135 18.23 11.22 23.55
N PHE A 136 19.10 11.01 22.54
CA PHE A 136 20.37 10.35 22.76
C PHE A 136 21.53 11.32 22.50
N ASN A 137 21.21 12.62 22.39
CA ASN A 137 22.18 13.68 22.51
C ASN A 137 22.07 14.30 23.89
N GLU A 138 23.11 14.14 24.74
CA GLU A 138 22.98 14.51 26.14
C GLU A 138 22.75 16.00 26.29
N ALA A 139 23.19 16.83 25.32
CA ALA A 139 22.89 18.25 25.34
C ALA A 139 21.39 18.46 25.28
N THR A 140 20.69 17.65 24.46
CA THR A 140 19.26 17.74 24.29
C THR A 140 18.55 17.44 25.61
N ASN A 141 18.94 16.35 26.29
CA ASN A 141 18.30 16.02 27.55
C ASN A 141 18.55 17.10 28.59
N ILE A 142 19.72 17.75 28.55
CA ILE A 142 19.99 18.81 29.50
C ILE A 142 19.13 20.04 29.21
N LYS A 143 18.99 20.43 27.93
CA LYS A 143 18.23 21.61 27.58
C LYS A 143 16.73 21.41 27.90
N ILE A 144 16.22 20.19 27.64
CA ILE A 144 14.86 19.81 28.04
C ILE A 144 14.66 20.01 29.54
N GLY A 145 15.67 19.66 30.35
CA GLY A 145 15.61 19.83 31.79
C GLY A 145 15.38 18.50 32.50
N ARG A 146 15.57 17.38 31.80
CA ARG A 146 15.40 16.09 32.43
C ARG A 146 16.69 15.59 33.06
N GLY A 147 17.84 16.06 32.57
CA GLY A 147 19.09 15.35 32.81
C GLY A 147 20.25 16.27 33.19
N SER A 148 21.31 15.65 33.70
CA SER A 148 22.58 16.33 33.89
C SER A 148 23.68 15.58 33.14
N GLY A 149 23.28 14.78 32.14
CA GLY A 149 24.20 14.30 31.13
C GLY A 149 24.45 12.82 31.22
N ASP A 150 23.71 12.09 32.07
CA ASP A 150 23.92 10.66 32.25
C ASP A 150 22.70 9.83 31.89
N ASN A 151 21.67 10.42 31.26
CA ASN A 151 20.42 9.69 31.01
C ASN A 151 20.61 8.47 30.08
N VAL A 152 21.45 8.64 29.03
CA VAL A 152 21.61 7.59 28.04
C VAL A 152 22.37 6.42 28.64
N GLN A 153 23.43 6.76 29.38
CA GLN A 153 24.21 5.78 30.09
C GLN A 153 23.30 5.00 31.04
N LYS A 154 22.49 5.71 31.82
CA LYS A 154 21.61 5.06 32.79
C LYS A 154 20.57 4.20 32.07
N LEU A 155 20.06 4.65 30.93
CA LEU A 155 19.07 3.89 30.16
C LEU A 155 19.58 2.51 29.76
N TYR A 156 20.79 2.46 29.18
CA TYR A 156 21.42 1.21 28.78
C TYR A 156 21.61 0.29 29.98
N GLU A 157 21.97 0.85 31.13
CA GLU A 157 22.14 0.08 32.36
C GLU A 157 20.81 -0.56 32.77
N ILE A 158 19.72 0.23 32.79
CA ILE A 158 18.40 -0.26 33.19
C ILE A 158 17.93 -1.35 32.20
N GLY A 159 18.19 -1.11 30.92
CA GLY A 159 17.95 -2.10 29.88
C GLY A 159 18.57 -3.45 30.24
N SER A 160 19.84 -3.43 30.71
CA SER A 160 20.53 -4.68 31.01
C SER A 160 19.94 -5.34 32.26
N TRP A 161 19.55 -4.52 33.26
CA TRP A 161 18.91 -5.04 34.45
C TRP A 161 17.58 -5.71 34.14
N CYS A 162 16.79 -5.15 33.22
CA CYS A 162 15.51 -5.75 32.87
C CYS A 162 15.75 -7.14 32.26
N GLN A 163 16.78 -7.24 31.44
CA GLN A 163 17.24 -8.47 30.84
C GLN A 163 17.54 -9.48 31.94
N LYS A 164 18.34 -9.04 32.92
CA LYS A 164 18.78 -9.86 34.03
C LYS A 164 17.63 -10.32 34.93
N TYR A 165 16.63 -9.45 35.21
CA TYR A 165 15.62 -9.72 36.22
C TYR A 165 14.26 -10.03 35.60
N ASP A 166 14.22 -10.29 34.28
CA ASP A 166 13.04 -10.78 33.62
C ASP A 166 11.94 -9.71 33.68
N ILE A 167 12.28 -8.48 33.32
CA ILE A 167 11.32 -7.39 33.25
C ILE A 167 11.24 -6.90 31.82
N LYS A 168 10.01 -6.72 31.32
CA LYS A 168 9.86 -6.13 30.00
C LYS A 168 10.30 -4.67 29.97
N PHE A 169 11.15 -4.34 28.97
CA PHE A 169 11.85 -3.06 28.89
C PHE A 169 11.22 -2.14 27.85
N LYS A 170 10.77 -0.97 28.35
CA LYS A 170 9.94 -0.05 27.57
C LYS A 170 10.56 1.31 27.62
N LEU A 171 10.48 2.04 26.50
CA LEU A 171 11.08 3.35 26.35
C LEU A 171 9.98 4.34 26.00
N ASN A 172 9.97 5.50 26.69
CA ASN A 172 9.03 6.56 26.41
C ASN A 172 9.77 7.81 26.00
N THR A 173 9.38 8.36 24.85
CA THR A 173 10.01 9.52 24.27
C THR A 173 8.99 10.60 23.96
N VAL A 174 9.26 11.82 24.41
CA VAL A 174 8.46 12.98 24.05
C VAL A 174 9.10 13.70 22.87
N VAL A 175 8.34 13.75 21.77
CA VAL A 175 8.73 14.42 20.53
C VAL A 175 8.34 15.90 20.60
N ASN A 176 9.34 16.79 20.53
CA ASN A 176 9.16 18.21 20.82
C ASN A 176 10.07 19.01 19.89
N LYS A 177 10.03 20.34 20.03
CA LYS A 177 10.82 21.25 19.21
C LYS A 177 12.31 20.88 19.18
N PHE A 178 12.86 20.48 20.32
CA PHE A 178 14.30 20.26 20.46
C PHE A 178 14.78 18.92 19.88
N ASN A 179 13.93 17.94 19.57
CA ASN A 179 14.45 16.64 19.18
C ASN A 179 13.74 16.05 17.95
N HIS A 180 12.90 16.83 17.29
CA HIS A 180 12.01 16.25 16.30
C HIS A 180 12.78 15.85 15.03
N LEU A 181 14.03 16.33 14.87
CA LEU A 181 14.82 16.00 13.69
C LEU A 181 15.82 14.87 13.95
N GLU A 182 15.92 14.45 15.21
CA GLU A 182 16.91 13.46 15.59
C GLU A 182 16.61 12.11 14.96
N ASP A 183 17.66 11.32 14.71
CA ASP A 183 17.57 9.93 14.30
C ASP A 183 18.11 9.00 15.40
N MET A 184 17.23 8.13 15.91
CA MET A 184 17.50 7.40 17.13
C MET A 184 17.59 5.91 16.83
N ASN A 185 17.68 5.57 15.53
CA ASN A 185 17.51 4.20 15.07
C ASN A 185 18.61 3.31 15.63
N ASP A 186 19.86 3.79 15.62
CA ASP A 186 20.97 2.93 15.98
C ASP A 186 20.86 2.57 17.47
N HIS A 187 20.50 3.56 18.29
CA HIS A 187 20.24 3.35 19.72
C HIS A 187 19.10 2.35 19.94
N LEU A 188 17.97 2.57 19.25
CA LEU A 188 16.79 1.71 19.38
C LEU A 188 17.12 0.29 18.97
N ASN A 189 17.99 0.13 17.96
CA ASN A 189 18.43 -1.18 17.52
C ASN A 189 19.33 -1.84 18.57
N ALA A 190 20.08 -1.04 19.32
CA ALA A 190 20.93 -1.54 20.39
C ALA A 190 20.11 -1.86 21.63
N LEU A 191 19.12 -1.00 21.96
CA LEU A 191 18.34 -1.12 23.19
C LEU A 191 17.25 -2.18 23.07
N GLN A 192 16.51 -2.20 21.95
CA GLN A 192 15.53 -3.24 21.66
C GLN A 192 14.49 -3.31 22.78
N PRO A 193 13.84 -2.16 23.10
CA PRO A 193 12.68 -2.20 23.98
C PRO A 193 11.55 -2.91 23.24
N PHE A 194 10.67 -3.59 23.98
CA PHE A 194 9.53 -4.28 23.36
C PHE A 194 8.47 -3.26 22.92
N ARG A 195 8.57 -2.01 23.41
CA ARG A 195 7.53 -1.00 23.28
C ARG A 195 8.21 0.35 23.41
N TRP A 196 8.03 1.21 22.42
CA TRP A 196 8.65 2.52 22.36
C TRP A 196 7.57 3.55 22.12
N LYS A 197 7.13 4.21 23.20
CA LYS A 197 6.06 5.18 23.06
C LYS A 197 6.66 6.48 22.58
N CYS A 198 6.12 6.99 21.47
CA CYS A 198 6.51 8.29 20.96
C CYS A 198 5.33 9.26 21.10
N PHE A 199 5.39 10.18 22.10
CA PHE A 199 4.34 11.14 22.37
C PHE A 199 4.64 12.50 21.72
N GLN A 200 3.69 12.99 20.91
CA GLN A 200 3.74 14.39 20.54
C GLN A 200 3.52 15.23 21.79
N VAL A 201 4.43 16.18 22.08
CA VAL A 201 4.30 16.95 23.32
C VAL A 201 2.88 17.52 23.39
N LEU A 202 2.22 17.30 24.55
CA LEU A 202 0.81 17.60 24.72
C LEU A 202 0.64 18.75 25.73
N ILE A 203 -0.24 19.70 25.37
CA ILE A 203 -0.68 20.76 26.28
C ILE A 203 -1.87 20.27 27.11
N VAL A 204 -1.77 20.42 28.45
CA VAL A 204 -2.86 20.06 29.34
C VAL A 204 -3.27 21.29 30.11
N THR A 205 -4.52 21.72 29.89
CA THR A 205 -5.06 22.86 30.59
C THR A 205 -4.87 22.73 32.11
N GLY A 206 -4.33 23.80 32.74
CA GLY A 206 -4.12 23.84 34.18
C GLY A 206 -2.79 23.25 34.66
N GLU A 207 -1.99 22.68 33.75
CA GLU A 207 -0.72 22.04 34.07
C GLU A 207 0.46 22.73 33.40
N ASN A 208 0.41 22.95 32.08
CA ASN A 208 1.58 23.41 31.33
C ASN A 208 1.16 24.39 30.23
N ASP A 209 0.06 25.13 30.42
CA ASP A 209 -0.56 25.86 29.32
C ASP A 209 -0.43 27.39 29.45
N SER A 210 0.24 27.91 30.49
CA SER A 210 0.42 29.36 30.59
C SER A 210 1.65 29.72 31.41
N ASP A 211 1.78 31.02 31.74
CA ASP A 211 2.85 31.44 32.63
C ASP A 211 2.36 31.47 34.07
N LYS A 212 1.08 31.16 34.31
CA LYS A 212 0.58 31.03 35.67
C LYS A 212 0.87 29.62 36.21
N THR A 213 1.09 28.67 35.31
CA THR A 213 1.34 27.28 35.69
C THR A 213 2.84 27.08 35.97
N LEU A 214 3.22 25.89 36.46
CA LEU A 214 4.61 25.65 36.86
C LEU A 214 5.49 25.41 35.63
N ARG A 215 4.83 25.17 34.49
CA ARG A 215 5.50 25.05 33.20
C ARG A 215 4.68 25.75 32.12
N ASN A 216 5.36 26.06 31.02
CA ASN A 216 4.72 26.52 29.79
C ASN A 216 5.34 25.76 28.61
N ALA A 217 4.56 24.85 28.02
CA ALA A 217 5.08 23.95 27.00
C ALA A 217 4.81 24.50 25.60
N HIS A 218 4.12 25.65 25.51
CA HIS A 218 3.68 26.20 24.23
C HIS A 218 4.84 26.46 23.28
N SER A 219 6.01 26.80 23.82
CA SER A 219 7.17 27.07 22.98
C SER A 219 7.87 25.79 22.55
N LEU A 220 7.39 24.60 22.97
CA LEU A 220 8.01 23.35 22.60
C LEU A 220 7.14 22.48 21.71
N THR A 221 5.93 22.94 21.40
CA THR A 221 4.96 22.15 20.66
C THR A 221 5.34 22.12 19.19
N ILE A 222 4.96 21.05 18.47
CA ILE A 222 5.34 20.85 17.08
C ILE A 222 4.09 20.60 16.25
N SER A 223 4.25 20.80 14.93
CA SER A 223 3.21 20.55 13.96
C SER A 223 2.94 19.07 13.82
N ASP A 224 1.73 18.74 13.35
CA ASP A 224 1.36 17.40 12.97
C ASP A 224 2.38 16.83 11.99
N ASP A 225 2.82 17.67 11.04
CA ASP A 225 3.70 17.20 10.00
C ASP A 225 5.09 16.92 10.57
N GLU A 226 5.55 17.70 11.56
CA GLU A 226 6.83 17.43 12.20
C GLU A 226 6.78 16.09 12.92
N PHE A 227 5.68 15.86 13.65
CA PHE A 227 5.53 14.63 14.43
C PHE A 227 5.51 13.45 13.48
N ASP A 228 4.77 13.58 12.37
CA ASP A 228 4.68 12.50 11.39
C ASP A 228 6.03 12.17 10.78
N ARG A 229 6.87 13.18 10.46
CA ARG A 229 8.16 12.95 9.83
C ARG A 229 9.13 12.25 10.79
N PHE A 230 9.03 12.57 12.09
CA PHE A 230 9.73 11.80 13.10
C PHE A 230 9.36 10.32 13.00
N CYS A 231 8.05 10.02 13.09
CA CYS A 231 7.61 8.64 13.08
C CYS A 231 8.04 7.93 11.79
N GLU A 232 8.00 8.66 10.67
CA GLU A 232 8.45 8.16 9.36
C GLU A 232 9.93 7.79 9.37
N ARG A 233 10.77 8.66 9.97
CA ARG A 233 12.21 8.44 10.10
C ARG A 233 12.49 7.11 10.82
N HIS A 234 11.58 6.68 11.70
CA HIS A 234 11.75 5.49 12.53
C HIS A 234 10.77 4.39 12.12
N SER A 235 10.37 4.36 10.84
CA SER A 235 9.31 3.46 10.39
C SER A 235 9.75 1.99 10.45
N SER A 236 11.05 1.72 10.48
CA SER A 236 11.53 0.35 10.59
C SER A 236 11.53 -0.18 12.03
N GLN A 237 11.14 0.66 13.01
CA GLN A 237 11.02 0.21 14.39
C GLN A 237 9.63 -0.39 14.59
N THR A 238 9.58 -1.72 14.73
CA THR A 238 8.32 -2.40 14.92
C THR A 238 7.84 -2.20 16.37
N CYS A 239 8.69 -1.67 17.24
CA CYS A 239 8.27 -1.41 18.62
C CYS A 239 7.62 -0.03 18.79
N LEU A 240 7.70 0.82 17.77
CA LEU A 240 7.18 2.18 17.81
C LEU A 240 5.65 2.22 18.01
N VAL A 241 5.24 3.00 19.02
CA VAL A 241 3.84 3.27 19.29
C VAL A 241 3.61 4.77 19.31
N PRO A 242 3.18 5.39 18.19
CA PRO A 242 3.00 6.83 18.14
C PRO A 242 1.71 7.32 18.76
N GLU A 243 1.81 8.50 19.40
CA GLU A 243 0.67 9.13 20.03
C GLU A 243 0.62 10.61 19.71
N PRO A 244 -0.01 10.99 18.59
CA PRO A 244 -0.26 12.39 18.29
C PRO A 244 -1.26 12.92 19.30
N ASN A 245 -1.38 14.26 19.39
CA ASN A 245 -2.24 14.86 20.38
C ASN A 245 -3.64 14.24 20.33
N ARG A 246 -4.16 13.97 19.11
CA ARG A 246 -5.51 13.48 18.95
C ARG A 246 -5.75 12.17 19.72
N LEU A 247 -4.76 11.30 19.77
CA LEU A 247 -4.91 10.01 20.40
C LEU A 247 -4.49 10.05 21.88
N MET A 248 -3.67 11.03 22.30
CA MET A 248 -3.19 11.02 23.67
C MET A 248 -4.12 11.77 24.62
N ALA A 249 -4.83 12.77 24.12
CA ALA A 249 -5.47 13.75 24.98
C ALA A 249 -6.40 13.13 26.01
N LYS A 250 -7.29 12.23 25.57
CA LYS A 250 -8.39 11.81 26.41
C LYS A 250 -8.47 10.30 26.49
N SER A 251 -7.39 9.61 26.16
CA SER A 251 -7.41 8.17 25.97
C SER A 251 -6.86 7.42 27.18
N TYR A 252 -6.60 8.11 28.30
CA TYR A 252 -6.06 7.49 29.50
C TYR A 252 -7.02 7.60 30.68
N LEU A 253 -6.93 6.62 31.57
CA LEU A 253 -7.55 6.66 32.90
C LEU A 253 -6.50 7.04 33.92
N ILE A 254 -6.70 8.20 34.54
CA ILE A 254 -5.66 8.85 35.32
C ILE A 254 -6.20 9.13 36.71
N LEU A 255 -5.57 8.49 37.71
CA LEU A 255 -5.82 8.81 39.10
C LEU A 255 -4.75 9.75 39.63
N ASP A 256 -5.19 10.77 40.40
CA ASP A 256 -4.25 11.63 41.08
C ASP A 256 -3.83 11.09 42.45
N GLU A 257 -3.13 11.94 43.21
CA GLU A 257 -2.50 11.58 44.46
C GLU A 257 -3.57 11.34 45.54
N TYR A 258 -4.83 11.77 45.29
CA TYR A 258 -5.93 11.47 46.22
C TYR A 258 -6.83 10.34 45.68
N MET A 259 -6.36 9.68 44.60
CA MET A 259 -7.09 8.64 43.86
C MET A 259 -8.44 9.15 43.35
N ARG A 260 -8.43 10.37 42.82
CA ARG A 260 -9.47 10.91 41.96
C ARG A 260 -9.07 10.79 40.49
N PHE A 261 -10.07 10.53 39.64
CA PHE A 261 -9.89 10.56 38.20
C PHE A 261 -9.81 11.99 37.69
N LEU A 262 -8.80 12.24 36.81
CA LEU A 262 -8.53 13.54 36.23
C LEU A 262 -9.01 13.61 34.78
N ASP A 263 -9.62 14.74 34.43
CA ASP A 263 -10.19 14.90 33.11
C ASP A 263 -9.14 15.42 32.11
N ARG A 264 -8.06 16.03 32.62
CA ARG A 264 -6.95 16.52 31.75
C ARG A 264 -7.49 17.52 30.71
N ASN A 265 -8.36 18.45 31.14
CA ASN A 265 -8.86 19.47 30.24
C ASN A 265 -9.29 20.74 30.97
N GLY A 266 -9.02 20.85 32.27
CA GLY A 266 -9.43 22.03 33.04
C GLY A 266 -10.68 21.79 33.88
N GLN A 267 -11.40 20.68 33.64
CA GLN A 267 -12.52 20.29 34.48
C GLN A 267 -12.00 19.79 35.84
N GLN A 268 -12.88 19.86 36.85
CA GLN A 268 -12.52 19.43 38.19
C GLN A 268 -12.35 17.92 38.21
N PRO A 269 -11.52 17.40 39.12
CA PRO A 269 -11.38 15.95 39.29
C PRO A 269 -12.69 15.34 39.75
N SER A 270 -12.80 14.02 39.60
CA SER A 270 -13.85 13.27 40.25
C SER A 270 -13.66 13.32 41.76
N LYS A 271 -14.65 12.79 42.48
CA LYS A 271 -14.43 12.48 43.87
C LYS A 271 -13.53 11.25 43.95
N SER A 272 -12.84 11.08 45.08
CA SER A 272 -11.94 9.94 45.25
C SER A 272 -12.70 8.63 45.19
N ILE A 273 -12.11 7.65 44.49
CA ILE A 273 -12.60 6.28 44.58
C ILE A 273 -12.70 5.83 46.05
N LEU A 274 -11.88 6.38 46.95
CA LEU A 274 -11.90 5.96 48.34
C LEU A 274 -13.11 6.54 49.08
N GLU A 275 -13.76 7.53 48.47
CA GLU A 275 -14.89 8.24 49.06
C GLU A 275 -16.21 7.75 48.44
N VAL A 276 -16.25 7.51 47.11
CA VAL A 276 -17.53 7.27 46.44
C VAL A 276 -17.54 5.95 45.68
N GLY A 277 -16.40 5.27 45.62
CA GLY A 277 -16.30 4.04 44.88
C GLY A 277 -15.89 4.34 43.43
N VAL A 278 -15.50 3.28 42.74
CA VAL A 278 -14.92 3.40 41.40
C VAL A 278 -15.98 3.87 40.40
N GLN A 279 -17.14 3.23 40.46
CA GLN A 279 -18.18 3.53 39.44
C GLN A 279 -18.56 5.01 39.46
N GLN A 280 -18.81 5.55 40.65
CA GLN A 280 -19.27 6.93 40.71
C GLN A 280 -18.13 7.88 40.34
N ALA A 281 -16.90 7.55 40.73
CA ALA A 281 -15.75 8.36 40.35
C ALA A 281 -15.54 8.40 38.83
N LEU A 282 -15.60 7.26 38.17
CA LEU A 282 -15.32 7.14 36.74
C LEU A 282 -16.39 7.83 35.87
N GLN A 283 -17.62 7.88 36.38
CA GLN A 283 -18.78 8.47 35.72
C GLN A 283 -18.52 9.96 35.46
N ALA A 284 -17.69 10.58 36.31
CA ALA A 284 -17.45 12.02 36.30
C ALA A 284 -16.39 12.45 35.29
N VAL A 285 -15.71 11.52 34.62
CA VAL A 285 -14.69 11.93 33.65
C VAL A 285 -15.01 11.30 32.30
N PHE A 286 -14.47 11.92 31.25
CA PHE A 286 -14.55 11.37 29.91
C PHE A 286 -13.29 10.56 29.64
N TRP A 287 -13.49 9.34 29.14
CA TRP A 287 -12.43 8.44 28.71
C TRP A 287 -12.80 7.98 27.31
N ASP A 288 -11.98 8.40 26.34
CA ASP A 288 -12.20 8.07 24.93
C ASP A 288 -11.69 6.65 24.68
N GLU A 289 -12.58 5.68 24.84
CA GLU A 289 -12.24 4.28 24.68
C GLU A 289 -11.89 3.94 23.24
N GLU A 290 -12.48 4.65 22.26
CA GLU A 290 -12.14 4.44 20.88
C GLU A 290 -10.68 4.84 20.64
N ALA A 291 -10.29 6.00 21.18
CA ALA A 291 -8.92 6.46 21.15
C ALA A 291 -7.97 5.49 21.85
N PHE A 292 -8.36 4.95 22.99
CA PHE A 292 -7.57 4.02 23.77
C PHE A 292 -7.24 2.78 22.97
N VAL A 293 -8.23 2.21 22.29
CA VAL A 293 -7.98 1.02 21.49
C VAL A 293 -7.07 1.36 20.31
N GLU A 294 -7.40 2.44 19.63
CA GLU A 294 -6.72 2.82 18.42
C GLU A 294 -5.23 3.07 18.66
N ARG A 295 -4.86 3.61 19.84
CA ARG A 295 -3.46 3.91 20.09
C ARG A 295 -2.71 2.66 20.53
N GLY A 296 -3.41 1.55 20.77
CA GLY A 296 -2.81 0.29 21.17
C GLY A 296 -2.80 0.06 22.69
N GLY A 297 -3.80 0.63 23.38
CA GLY A 297 -3.87 0.53 24.82
C GLY A 297 -4.00 -0.89 25.36
N ILE A 298 -4.57 -1.83 24.56
CA ILE A 298 -4.61 -3.26 24.91
C ILE A 298 -3.50 -3.94 24.11
N TYR A 299 -2.62 -4.66 24.81
CA TYR A 299 -1.49 -5.37 24.22
C TYR A 299 -1.06 -6.50 25.16
N ASP A 300 -0.06 -7.30 24.74
CA ASP A 300 0.45 -8.38 25.57
C ASP A 300 1.39 -7.81 26.62
N TRP A 301 0.83 -7.51 27.78
CA TRP A 301 1.48 -6.63 28.74
C TRP A 301 2.10 -7.40 29.91
N ASN A 302 2.26 -8.73 29.75
CA ASN A 302 3.07 -9.53 30.67
C ASN A 302 3.90 -10.53 29.85
N GLY B 24 -14.11 7.25 -18.03
CA GLY B 24 -15.17 8.07 -17.43
C GLY B 24 -16.20 7.24 -16.66
N GLN B 25 -15.73 6.17 -15.99
CA GLN B 25 -16.61 5.33 -15.19
C GLN B 25 -17.06 6.10 -13.96
N VAL B 26 -18.26 5.77 -13.46
CA VAL B 26 -18.83 6.35 -12.27
C VAL B 26 -18.56 5.41 -11.12
N PRO B 27 -17.73 5.82 -10.12
CA PRO B 27 -17.38 4.92 -9.03
C PRO B 27 -18.52 4.74 -8.03
N VAL B 28 -19.51 3.93 -8.37
CA VAL B 28 -20.74 3.93 -7.61
C VAL B 28 -20.56 3.26 -6.24
N SER B 29 -19.68 2.24 -6.17
CA SER B 29 -19.48 1.45 -4.96
C SER B 29 -17.99 1.18 -4.75
N VAL B 30 -17.42 1.70 -3.64
CA VAL B 30 -15.99 1.76 -3.47
C VAL B 30 -15.59 1.12 -2.13
N ASN B 31 -14.52 0.35 -2.20
CA ASN B 31 -13.87 -0.21 -1.03
C ASN B 31 -12.69 0.68 -0.65
N TYR B 32 -12.69 1.15 0.59
CA TYR B 32 -11.57 1.89 1.12
C TYR B 32 -10.86 1.02 2.14
N HIS B 33 -9.70 0.46 1.72
CA HIS B 33 -8.83 -0.30 2.59
C HIS B 33 -7.94 0.69 3.33
N PHE B 34 -8.49 1.29 4.38
CA PHE B 34 -7.86 2.51 4.94
C PHE B 34 -6.62 2.27 5.79
N SER B 35 -6.39 0.99 6.15
N SER B 35 -6.42 1.00 6.20
CA SER B 35 -5.25 0.56 6.95
CA SER B 35 -5.18 0.57 6.81
C SER B 35 -4.90 -0.88 6.56
C SER B 35 -4.86 -0.85 6.39
N ARG B 36 -3.61 -1.25 6.62
CA ARG B 36 -3.15 -2.59 6.33
C ARG B 36 -2.86 -3.38 7.62
N LYS B 37 -2.93 -2.78 8.82
CA LYS B 37 -2.62 -3.51 10.05
C LYS B 37 -3.67 -4.60 10.31
N CYS B 38 -3.26 -5.80 10.79
CA CYS B 38 -4.25 -6.76 11.24
C CYS B 38 -3.77 -7.60 12.43
N ASN B 39 -4.74 -8.09 13.20
CA ASN B 39 -4.51 -8.85 14.42
C ASN B 39 -4.53 -10.37 14.18
N LYS B 40 -4.64 -10.80 12.92
CA LYS B 40 -4.80 -12.21 12.57
C LYS B 40 -3.78 -12.64 11.52
N GLU B 41 -3.84 -13.92 11.10
CA GLU B 41 -2.81 -14.50 10.24
C GLU B 41 -3.38 -15.37 9.12
N CYS B 42 -4.52 -14.97 8.51
CA CYS B 42 -5.15 -15.78 7.46
C CYS B 42 -4.14 -16.11 6.36
N LEU B 43 -3.97 -17.42 6.07
CA LEU B 43 -2.91 -17.85 5.18
C LEU B 43 -3.11 -17.37 3.75
N PHE B 44 -4.34 -17.03 3.37
CA PHE B 44 -4.64 -16.65 2.01
C PHE B 44 -4.75 -15.11 1.85
N CYS B 45 -4.54 -14.34 2.94
CA CYS B 45 -4.87 -12.91 2.96
C CYS B 45 -4.33 -12.21 1.71
N PHE B 46 -5.21 -11.53 0.93
CA PHE B 46 -4.79 -10.80 -0.26
C PHE B 46 -4.65 -9.30 -0.05
N HIS B 47 -4.69 -8.85 1.22
CA HIS B 47 -4.47 -7.46 1.52
C HIS B 47 -3.59 -7.35 2.78
N THR B 48 -2.28 -7.50 2.57
CA THR B 48 -1.32 -7.79 3.64
C THR B 48 -0.76 -6.54 4.32
N ALA B 49 -0.11 -6.76 5.48
CA ALA B 49 0.37 -5.71 6.37
C ALA B 49 1.74 -5.18 5.97
N THR B 50 1.78 -4.54 4.81
CA THR B 50 3.01 -4.04 4.21
C THR B 50 3.31 -2.61 4.64
N THR B 51 2.32 -1.89 5.22
CA THR B 51 2.57 -0.57 5.78
C THR B 51 1.70 -0.39 7.01
N SER B 52 1.99 0.66 7.78
CA SER B 52 1.13 1.07 8.89
C SER B 52 0.55 2.48 8.65
N HIS B 53 0.68 3.01 7.42
CA HIS B 53 0.15 4.33 7.11
C HIS B 53 -1.38 4.35 7.15
N VAL B 54 -1.93 5.40 7.78
CA VAL B 54 -3.36 5.69 7.70
C VAL B 54 -3.50 7.21 7.49
N GLU B 55 -4.42 7.60 6.60
CA GLU B 55 -4.66 9.02 6.38
C GLU B 55 -5.14 9.68 7.68
N LYS B 56 -4.81 10.96 7.83
CA LYS B 56 -5.46 11.79 8.83
C LYS B 56 -6.94 11.92 8.50
N PRO B 57 -7.83 11.91 9.53
CA PRO B 57 -9.25 12.14 9.33
C PRO B 57 -9.57 13.27 8.35
N GLU B 58 -8.89 14.42 8.45
CA GLU B 58 -9.31 15.54 7.61
C GLU B 58 -8.97 15.26 6.15
N ASN B 59 -7.89 14.51 5.90
CA ASN B 59 -7.51 14.12 4.54
C ASN B 59 -8.45 13.05 3.98
N ALA B 60 -8.78 12.04 4.78
CA ALA B 60 -9.73 11.03 4.35
C ALA B 60 -11.10 11.65 4.04
N LYS B 61 -11.58 12.58 4.86
CA LYS B 61 -12.79 13.34 4.56
C LYS B 61 -12.72 14.07 3.21
N ARG B 62 -11.60 14.68 2.89
CA ARG B 62 -11.46 15.33 1.56
C ARG B 62 -11.65 14.28 0.46
N GLY B 63 -10.98 13.14 0.58
CA GLY B 63 -11.08 12.06 -0.40
C GLY B 63 -12.50 11.54 -0.59
N LEU B 64 -13.21 11.28 0.53
CA LEU B 64 -14.57 10.76 0.48
C LEU B 64 -15.50 11.79 -0.12
N THR B 65 -15.27 13.07 0.17
CA THR B 65 -16.00 14.16 -0.47
C THR B 65 -15.80 14.14 -1.99
N LEU B 66 -14.57 13.95 -2.48
CA LEU B 66 -14.37 13.90 -3.93
C LEU B 66 -15.14 12.73 -4.57
N LEU B 67 -15.14 11.60 -3.85
CA LEU B 67 -15.83 10.41 -4.35
C LEU B 67 -17.34 10.62 -4.37
N LYS B 68 -17.90 11.28 -3.37
CA LYS B 68 -19.31 11.59 -3.39
C LYS B 68 -19.65 12.41 -4.64
N GLN B 69 -18.84 13.43 -4.90
CA GLN B 69 -19.10 14.33 -6.01
C GLN B 69 -19.08 13.59 -7.35
N ALA B 70 -18.19 12.58 -7.46
CA ALA B 70 -18.01 11.79 -8.68
C ALA B 70 -19.12 10.75 -8.85
N GLY B 71 -19.94 10.56 -7.81
CA GLY B 71 -21.15 9.78 -7.92
C GLY B 71 -21.10 8.50 -7.10
N MET B 72 -20.21 8.42 -6.11
CA MET B 72 -20.25 7.29 -5.19
C MET B 72 -21.57 7.27 -4.39
N LYS B 73 -22.15 6.08 -4.27
CA LYS B 73 -23.37 5.84 -3.49
C LYS B 73 -23.13 4.95 -2.27
N LYS B 74 -22.19 4.00 -2.41
CA LYS B 74 -21.85 3.06 -1.35
C LYS B 74 -20.35 3.03 -1.07
N ILE B 75 -19.98 3.05 0.23
CA ILE B 75 -18.59 2.96 0.67
C ILE B 75 -18.47 1.77 1.61
N ASN B 76 -17.48 0.89 1.39
CA ASN B 76 -17.21 -0.21 2.30
C ASN B 76 -15.88 0.08 2.95
N PHE B 77 -15.85 0.10 4.28
CA PHE B 77 -14.61 0.27 5.00
C PHE B 77 -13.97 -1.10 5.25
N ALA B 78 -12.74 -1.29 4.78
CA ALA B 78 -12.05 -2.58 4.86
C ALA B 78 -10.58 -2.35 5.17
N GLY B 79 -9.71 -3.32 4.86
CA GLY B 79 -8.32 -3.24 5.24
C GLY B 79 -7.58 -4.53 4.90
N GLY B 80 -6.67 -4.97 5.77
CA GLY B 80 -6.56 -4.60 7.17
C GLY B 80 -7.82 -4.89 7.99
N GLU B 81 -7.71 -4.76 9.32
CA GLU B 81 -8.84 -4.94 10.21
C GLU B 81 -9.38 -3.59 10.69
N PRO B 82 -10.56 -3.16 10.21
CA PRO B 82 -11.04 -1.82 10.55
C PRO B 82 -11.17 -1.52 12.04
N PHE B 83 -11.50 -2.51 12.85
CA PHE B 83 -11.76 -2.23 14.25
C PHE B 83 -10.48 -2.10 15.07
N LEU B 84 -9.29 -2.21 14.44
CA LEU B 84 -8.06 -1.76 15.09
C LEU B 84 -8.04 -0.23 15.22
N TYR B 85 -8.87 0.50 14.47
CA TYR B 85 -8.88 1.96 14.43
C TYR B 85 -10.30 2.45 14.63
N PRO B 86 -10.95 2.17 15.78
CA PRO B 86 -12.35 2.53 15.93
C PRO B 86 -12.63 4.04 15.99
N LYS B 87 -11.63 4.87 16.36
CA LYS B 87 -11.92 6.29 16.41
C LYS B 87 -12.00 6.82 14.99
N PHE B 88 -10.99 6.45 14.17
CA PHE B 88 -10.98 6.80 12.76
C PHE B 88 -12.25 6.30 12.10
N LEU B 89 -12.55 5.02 12.32
CA LEU B 89 -13.66 4.35 11.65
C LEU B 89 -14.97 5.04 11.98
N GLY B 90 -15.18 5.33 13.27
CA GLY B 90 -16.36 6.04 13.76
C GLY B 90 -16.53 7.43 13.14
N GLU B 91 -15.42 8.18 13.07
CA GLU B 91 -15.46 9.50 12.48
C GLU B 91 -15.86 9.42 11.02
N MET B 92 -15.30 8.44 10.28
CA MET B 92 -15.52 8.37 8.84
C MET B 92 -16.94 7.87 8.55
N ILE B 93 -17.44 6.91 9.35
CA ILE B 93 -18.82 6.43 9.22
C ILE B 93 -19.79 7.59 9.43
N ASP B 94 -19.57 8.33 10.51
CA ASP B 94 -20.47 9.42 10.88
C ASP B 94 -20.45 10.46 9.76
N PHE B 95 -19.25 10.83 9.29
CA PHE B 95 -19.14 11.80 8.22
C PHE B 95 -19.86 11.34 6.94
N CYS B 96 -19.67 10.07 6.57
CA CYS B 96 -20.20 9.59 5.31
C CYS B 96 -21.72 9.64 5.30
N LYS B 97 -22.34 9.24 6.40
CA LYS B 97 -23.80 9.18 6.45
C LYS B 97 -24.39 10.57 6.73
N GLU B 98 -23.81 11.32 7.67
CA GLU B 98 -24.39 12.59 8.10
C GLU B 98 -24.05 13.75 7.16
N THR B 99 -22.77 13.89 6.76
CA THR B 99 -22.39 15.00 5.89
C THR B 99 -22.56 14.63 4.41
N LEU B 100 -21.98 13.51 3.97
CA LEU B 100 -22.02 13.21 2.55
C LEU B 100 -23.37 12.63 2.12
N GLN B 101 -24.18 12.16 3.08
CA GLN B 101 -25.48 11.58 2.79
C GLN B 101 -25.39 10.42 1.80
N LEU B 102 -24.43 9.51 2.04
CA LEU B 102 -24.26 8.36 1.16
C LEU B 102 -25.42 7.39 1.35
N GLU B 103 -25.74 6.65 0.29
CA GLU B 103 -26.84 5.70 0.32
C GLU B 103 -26.52 4.54 1.26
N SER B 104 -25.28 4.06 1.26
CA SER B 104 -24.93 2.87 1.98
C SER B 104 -23.51 2.99 2.52
N VAL B 105 -23.40 2.83 3.84
CA VAL B 105 -22.11 2.78 4.52
C VAL B 105 -21.98 1.38 5.09
N SER B 106 -20.91 0.65 4.70
CA SER B 106 -20.72 -0.72 5.15
C SER B 106 -19.31 -0.88 5.72
N ILE B 107 -19.10 -1.94 6.52
CA ILE B 107 -17.82 -2.28 7.11
C ILE B 107 -17.70 -3.79 6.96
N VAL B 108 -16.49 -4.28 6.61
CA VAL B 108 -16.14 -5.68 6.66
C VAL B 108 -15.06 -5.90 7.74
N THR B 109 -15.30 -6.91 8.60
CA THR B 109 -14.46 -7.07 9.79
C THR B 109 -14.31 -8.56 10.09
N ASN B 110 -13.17 -8.95 10.69
CA ASN B 110 -13.01 -10.30 11.25
C ASN B 110 -13.83 -10.49 12.52
N GLY B 111 -14.35 -9.42 13.12
CA GLY B 111 -15.34 -9.51 14.18
C GLY B 111 -14.76 -9.58 15.59
N SER B 112 -13.47 -9.92 15.71
CA SER B 112 -12.88 -10.18 17.04
C SER B 112 -12.95 -8.93 17.94
N LEU B 113 -12.65 -7.73 17.42
CA LEU B 113 -12.54 -6.56 18.29
C LEU B 113 -13.84 -5.75 18.38
N VAL B 114 -14.87 -6.07 17.58
CA VAL B 114 -16.10 -5.28 17.58
C VAL B 114 -16.76 -5.31 18.96
N LYS B 115 -17.22 -4.16 19.48
CA LYS B 115 -17.92 -4.14 20.75
C LYS B 115 -19.32 -3.54 20.59
N GLU B 116 -20.27 -3.96 21.45
CA GLU B 116 -21.64 -3.47 21.38
C GLU B 116 -21.67 -1.96 21.42
N GLN B 117 -20.82 -1.35 22.26
CA GLN B 117 -20.81 0.09 22.46
C GLN B 117 -20.61 0.83 21.12
N PHE B 118 -19.83 0.28 20.19
CA PHE B 118 -19.60 0.94 18.91
C PHE B 118 -20.90 0.97 18.09
N LEU B 119 -21.63 -0.14 18.09
CA LEU B 119 -22.81 -0.25 17.26
C LEU B 119 -23.94 0.60 17.84
N GLN B 120 -23.97 0.73 19.17
CA GLN B 120 -24.89 1.66 19.84
C GLN B 120 -24.56 3.10 19.51
N LYS B 121 -23.27 3.45 19.54
CA LYS B 121 -22.89 4.84 19.26
C LYS B 121 -23.08 5.19 17.79
N HIS B 122 -22.67 4.31 16.85
CA HIS B 122 -22.56 4.65 15.44
C HIS B 122 -23.60 3.94 14.55
N GLY B 123 -24.46 3.09 15.13
CA GLY B 123 -25.33 2.22 14.36
C GLY B 123 -26.28 2.91 13.39
N ARG B 124 -26.77 4.09 13.75
CA ARG B 124 -27.63 4.84 12.85
C ARG B 124 -26.93 5.18 11.54
N ASN B 125 -25.58 5.17 11.56
CA ASN B 125 -24.79 5.53 10.39
C ASN B 125 -24.19 4.34 9.68
N ILE B 126 -24.45 3.12 10.16
CA ILE B 126 -23.96 1.89 9.53
C ILE B 126 -25.16 1.18 8.91
N ASP B 127 -25.10 0.96 7.61
CA ASP B 127 -26.19 0.31 6.90
C ASP B 127 -25.96 -1.18 6.97
N ILE B 128 -24.71 -1.61 6.77
CA ILE B 128 -24.36 -3.01 6.66
C ILE B 128 -23.10 -3.27 7.45
N LEU B 129 -23.09 -4.38 8.20
CA LEU B 129 -21.90 -4.88 8.85
C LEU B 129 -21.66 -6.32 8.39
N ALA B 130 -20.53 -6.52 7.71
CA ALA B 130 -20.10 -7.83 7.24
C ALA B 130 -19.03 -8.44 8.15
N VAL B 131 -19.23 -9.70 8.54
CA VAL B 131 -18.31 -10.43 9.41
C VAL B 131 -17.72 -11.57 8.60
N SER B 132 -16.39 -11.69 8.61
CA SER B 132 -15.70 -12.69 7.86
C SER B 132 -15.48 -13.92 8.73
N CYS B 133 -16.09 -15.04 8.36
CA CYS B 133 -15.94 -16.28 9.10
C CYS B 133 -16.06 -17.42 8.10
N ASP B 134 -14.97 -18.14 7.93
CA ASP B 134 -14.80 -19.02 6.80
C ASP B 134 -15.33 -20.43 7.13
N SER B 135 -15.46 -20.75 8.42
CA SER B 135 -15.90 -22.09 8.80
C SER B 135 -16.67 -22.07 10.11
N PHE B 136 -17.54 -23.07 10.30
CA PHE B 136 -18.21 -23.22 11.58
C PHE B 136 -17.55 -24.32 12.41
N ASN B 137 -16.42 -24.82 11.89
CA ASN B 137 -15.52 -25.65 12.66
C ASN B 137 -14.33 -24.81 13.12
N GLU B 138 -14.20 -24.65 14.44
CA GLU B 138 -13.17 -23.75 14.98
C GLU B 138 -11.77 -24.27 14.67
N ALA B 139 -11.59 -25.59 14.53
CA ALA B 139 -10.27 -26.13 14.18
C ALA B 139 -9.89 -25.75 12.75
N THR B 140 -10.90 -25.62 11.87
CA THR B 140 -10.64 -25.14 10.53
C THR B 140 -10.25 -23.67 10.58
N ASN B 141 -10.93 -22.88 11.41
CA ASN B 141 -10.63 -21.47 11.48
C ASN B 141 -9.22 -21.25 12.00
N ILE B 142 -8.79 -22.08 12.95
CA ILE B 142 -7.44 -21.98 13.48
C ILE B 142 -6.43 -22.34 12.41
N LYS B 143 -6.72 -23.39 11.63
CA LYS B 143 -5.79 -23.82 10.59
C LYS B 143 -5.66 -22.72 9.54
N ILE B 144 -6.77 -22.03 9.25
CA ILE B 144 -6.77 -20.98 8.24
C ILE B 144 -5.92 -19.82 8.75
N GLY B 145 -5.95 -19.61 10.07
CA GLY B 145 -5.15 -18.59 10.74
C GLY B 145 -5.98 -17.35 11.14
N ARG B 146 -7.31 -17.46 11.09
CA ARG B 146 -8.21 -16.44 11.62
C ARG B 146 -8.74 -16.81 12.99
N GLY B 147 -8.58 -18.09 13.32
CA GLY B 147 -9.27 -18.69 14.46
C GLY B 147 -8.57 -18.39 15.79
N SER B 148 -9.39 -18.00 16.77
CA SER B 148 -9.04 -17.97 18.18
C SER B 148 -9.88 -19.00 18.95
N GLY B 149 -10.73 -19.75 18.24
CA GLY B 149 -11.66 -20.68 18.86
C GLY B 149 -13.00 -20.06 19.27
N ASP B 150 -13.16 -18.74 19.07
CA ASP B 150 -14.38 -18.05 19.48
C ASP B 150 -15.04 -17.33 18.31
N ASN B 151 -14.58 -17.59 17.07
CA ASN B 151 -15.11 -16.88 15.90
C ASN B 151 -16.62 -17.10 15.77
N VAL B 152 -17.07 -18.36 15.94
CA VAL B 152 -18.47 -18.68 15.70
C VAL B 152 -19.35 -18.06 16.77
N GLN B 153 -18.93 -18.15 18.05
CA GLN B 153 -19.69 -17.56 19.14
C GLN B 153 -19.81 -16.04 18.93
N LYS B 154 -18.71 -15.41 18.52
CA LYS B 154 -18.72 -13.96 18.32
C LYS B 154 -19.62 -13.62 17.14
N LEU B 155 -19.66 -14.48 16.11
CA LEU B 155 -20.48 -14.22 14.93
C LEU B 155 -21.95 -14.13 15.30
N TYR B 156 -22.45 -15.10 16.07
CA TYR B 156 -23.82 -15.09 16.55
C TYR B 156 -24.12 -13.84 17.36
N GLU B 157 -23.17 -13.41 18.21
CA GLU B 157 -23.38 -12.25 19.07
C GLU B 157 -23.52 -11.00 18.20
N ILE B 158 -22.68 -10.90 17.18
CA ILE B 158 -22.71 -9.71 16.34
C ILE B 158 -24.05 -9.65 15.60
N GLY B 159 -24.50 -10.81 15.14
CA GLY B 159 -25.78 -10.91 14.46
C GLY B 159 -26.91 -10.40 15.34
N SER B 160 -26.93 -10.79 16.61
CA SER B 160 -27.95 -10.32 17.53
C SER B 160 -27.83 -8.81 17.74
N TRP B 161 -26.60 -8.27 17.74
CA TRP B 161 -26.43 -6.83 17.87
C TRP B 161 -27.04 -6.09 16.68
N CYS B 162 -26.86 -6.63 15.47
CA CYS B 162 -27.34 -5.96 14.28
C CYS B 162 -28.86 -5.87 14.31
N GLN B 163 -29.49 -6.91 14.85
CA GLN B 163 -30.93 -6.93 14.95
C GLN B 163 -31.37 -5.79 15.89
N LYS B 164 -30.72 -5.68 17.05
CA LYS B 164 -31.02 -4.71 18.08
C LYS B 164 -30.81 -3.26 17.63
N TYR B 165 -29.73 -3.01 16.88
CA TYR B 165 -29.33 -1.65 16.52
C TYR B 165 -29.67 -1.34 15.06
N ASP B 166 -30.51 -2.16 14.43
CA ASP B 166 -31.04 -1.89 13.11
C ASP B 166 -29.91 -1.71 12.08
N ILE B 167 -29.08 -2.75 11.94
CA ILE B 167 -28.05 -2.84 10.90
C ILE B 167 -28.28 -4.13 10.14
N LYS B 168 -28.09 -4.11 8.83
CA LYS B 168 -28.13 -5.32 8.01
C LYS B 168 -26.89 -6.17 8.26
N PHE B 169 -27.11 -7.48 8.48
CA PHE B 169 -26.09 -8.44 8.86
C PHE B 169 -25.67 -9.28 7.66
N LYS B 170 -24.35 -9.26 7.38
CA LYS B 170 -23.75 -9.90 6.22
C LYS B 170 -22.64 -10.81 6.71
N LEU B 171 -22.55 -11.98 6.05
CA LEU B 171 -21.47 -12.94 6.27
C LEU B 171 -20.60 -13.07 5.00
N ASN B 172 -19.28 -13.04 5.20
CA ASN B 172 -18.28 -13.24 4.16
C ASN B 172 -17.52 -14.52 4.48
N THR B 173 -17.44 -15.42 3.49
CA THR B 173 -16.77 -16.72 3.59
C THR B 173 -15.82 -16.90 2.40
N VAL B 174 -14.56 -17.22 2.68
CA VAL B 174 -13.57 -17.56 1.68
C VAL B 174 -13.53 -19.08 1.51
N VAL B 175 -13.87 -19.59 0.32
CA VAL B 175 -13.92 -21.03 0.05
C VAL B 175 -12.52 -21.44 -0.41
N ASN B 176 -11.88 -22.36 0.34
CA ASN B 176 -10.48 -22.70 0.13
C ASN B 176 -10.27 -24.19 0.39
N LYS B 177 -9.04 -24.67 0.24
CA LYS B 177 -8.76 -26.09 0.39
C LYS B 177 -9.29 -26.63 1.72
N PHE B 178 -9.21 -25.84 2.81
CA PHE B 178 -9.56 -26.36 4.13
C PHE B 178 -11.06 -26.42 4.39
N ASN B 179 -11.92 -25.78 3.57
CA ASN B 179 -13.34 -25.80 3.92
C ASN B 179 -14.26 -26.15 2.74
N HIS B 180 -13.72 -26.52 1.57
CA HIS B 180 -14.54 -26.56 0.37
C HIS B 180 -15.55 -27.71 0.42
N LEU B 181 -15.40 -28.66 1.38
CA LEU B 181 -16.34 -29.77 1.53
C LEU B 181 -17.37 -29.54 2.63
N GLU B 182 -17.19 -28.51 3.46
CA GLU B 182 -18.02 -28.29 4.64
C GLU B 182 -19.47 -27.98 4.24
N ASP B 183 -20.37 -28.31 5.17
CA ASP B 183 -21.79 -28.03 5.01
C ASP B 183 -22.21 -27.13 6.15
N MET B 184 -22.63 -25.90 5.81
CA MET B 184 -22.90 -24.84 6.76
C MET B 184 -24.38 -24.53 6.83
N ASN B 185 -25.19 -25.35 6.16
CA ASN B 185 -26.58 -25.02 5.92
C ASN B 185 -27.30 -24.73 7.23
N ASP B 186 -27.04 -25.53 8.28
CA ASP B 186 -27.72 -25.38 9.56
C ASP B 186 -27.39 -24.03 10.18
N HIS B 187 -26.10 -23.69 10.27
CA HIS B 187 -25.69 -22.41 10.83
C HIS B 187 -26.27 -21.25 10.00
N LEU B 188 -26.21 -21.34 8.66
CA LEU B 188 -26.73 -20.28 7.80
C LEU B 188 -28.24 -20.12 7.99
N ASN B 189 -28.93 -21.23 8.26
CA ASN B 189 -30.38 -21.13 8.49
C ASN B 189 -30.68 -20.39 9.79
N ALA B 190 -29.78 -20.53 10.77
CA ALA B 190 -29.95 -19.94 12.09
C ALA B 190 -29.58 -18.45 12.08
N LEU B 191 -28.47 -18.11 11.44
CA LEU B 191 -27.96 -16.74 11.43
C LEU B 191 -28.83 -15.85 10.54
N GLN B 192 -29.21 -16.36 9.37
CA GLN B 192 -30.07 -15.65 8.43
C GLN B 192 -29.47 -14.31 8.03
N PRO B 193 -28.21 -14.27 7.56
CA PRO B 193 -27.67 -13.02 6.99
C PRO B 193 -28.48 -12.68 5.74
N PHE B 194 -28.60 -11.37 5.43
CA PHE B 194 -29.33 -10.95 4.23
C PHE B 194 -28.50 -11.24 2.99
N ARG B 195 -27.19 -11.29 3.19
CA ARG B 195 -26.22 -11.46 2.12
C ARG B 195 -25.06 -12.31 2.64
N TRP B 196 -24.71 -13.32 1.89
CA TRP B 196 -23.68 -14.25 2.26
C TRP B 196 -22.69 -14.38 1.10
N LYS B 197 -21.59 -13.61 1.13
CA LYS B 197 -20.62 -13.70 0.05
C LYS B 197 -19.79 -14.98 0.21
N CYS B 198 -19.74 -15.76 -0.86
CA CYS B 198 -18.84 -16.91 -0.93
C CYS B 198 -17.78 -16.68 -1.99
N PHE B 199 -16.59 -16.29 -1.56
CA PHE B 199 -15.51 -16.01 -2.46
C PHE B 199 -14.66 -17.25 -2.71
N GLN B 200 -14.43 -17.57 -3.97
CA GLN B 200 -13.33 -18.47 -4.30
C GLN B 200 -12.00 -17.83 -3.93
N VAL B 201 -11.15 -18.56 -3.20
CA VAL B 201 -9.94 -17.94 -2.71
C VAL B 201 -9.16 -17.44 -3.93
N LEU B 202 -8.68 -16.18 -3.85
CA LEU B 202 -8.12 -15.50 -5.00
C LEU B 202 -6.65 -15.18 -4.77
N ILE B 203 -5.88 -15.40 -5.85
CA ILE B 203 -4.46 -15.05 -5.92
C ILE B 203 -4.34 -13.65 -6.53
N VAL B 204 -3.72 -12.75 -5.76
CA VAL B 204 -3.43 -11.40 -6.18
C VAL B 204 -1.92 -11.21 -6.28
N THR B 205 -1.46 -10.77 -7.46
CA THR B 205 -0.04 -10.56 -7.74
C THR B 205 0.50 -9.49 -6.80
N GLY B 206 1.64 -9.75 -6.15
CA GLY B 206 2.27 -8.80 -5.27
C GLY B 206 1.78 -8.87 -3.83
N GLU B 207 0.74 -9.68 -3.54
CA GLU B 207 0.16 -9.76 -2.21
C GLU B 207 0.32 -11.15 -1.59
N ASN B 208 -0.05 -12.20 -2.33
CA ASN B 208 -0.15 -13.54 -1.76
C ASN B 208 0.26 -14.60 -2.78
N ASP B 209 1.19 -14.27 -3.70
CA ASP B 209 1.39 -15.12 -4.86
C ASP B 209 2.74 -15.86 -4.80
N SER B 210 3.57 -15.60 -3.77
CA SER B 210 4.86 -16.26 -3.65
C SER B 210 5.37 -16.31 -2.20
N ASP B 211 6.64 -16.72 -2.05
CA ASP B 211 7.31 -16.81 -0.77
C ASP B 211 8.08 -15.50 -0.54
N LYS B 212 8.14 -14.67 -1.59
CA LYS B 212 8.57 -13.29 -1.45
C LYS B 212 7.54 -12.47 -0.68
N THR B 213 6.25 -12.77 -0.84
CA THR B 213 5.20 -11.94 -0.24
C THR B 213 4.95 -12.37 1.20
N LEU B 214 4.13 -11.61 1.94
CA LEU B 214 3.86 -11.88 3.35
C LEU B 214 2.94 -13.09 3.49
N ARG B 215 2.29 -13.46 2.39
CA ARG B 215 1.52 -14.69 2.31
C ARG B 215 1.75 -15.38 0.96
N ASN B 216 1.51 -16.70 0.96
CA ASN B 216 1.46 -17.52 -0.25
C ASN B 216 0.20 -18.38 -0.16
N ALA B 217 -0.79 -18.09 -0.99
CA ALA B 217 -2.10 -18.71 -0.84
C ALA B 217 -2.23 -19.95 -1.74
N HIS B 218 -1.18 -20.21 -2.53
CA HIS B 218 -1.25 -21.15 -3.64
C HIS B 218 -1.74 -22.54 -3.23
N SER B 219 -1.45 -22.95 -1.99
CA SER B 219 -1.75 -24.30 -1.52
C SER B 219 -3.19 -24.38 -1.02
N LEU B 220 -3.89 -23.24 -0.95
CA LEU B 220 -5.27 -23.21 -0.52
C LEU B 220 -6.22 -23.04 -1.71
N THR B 221 -5.68 -22.79 -2.90
CA THR B 221 -6.51 -22.57 -4.08
C THR B 221 -7.29 -23.83 -4.43
N ILE B 222 -8.51 -23.65 -4.95
CA ILE B 222 -9.39 -24.74 -5.34
C ILE B 222 -9.75 -24.62 -6.83
N SER B 223 -10.34 -25.69 -7.36
CA SER B 223 -10.74 -25.74 -8.77
C SER B 223 -12.10 -25.11 -8.96
N ASP B 224 -12.35 -24.66 -10.21
CA ASP B 224 -13.66 -24.19 -10.61
C ASP B 224 -14.73 -25.18 -10.15
N ASP B 225 -14.51 -26.49 -10.42
CA ASP B 225 -15.47 -27.52 -10.06
C ASP B 225 -15.67 -27.63 -8.55
N GLU B 226 -14.57 -27.64 -7.78
CA GLU B 226 -14.66 -27.67 -6.32
C GLU B 226 -15.51 -26.49 -5.81
N PHE B 227 -15.24 -25.27 -6.33
CA PHE B 227 -15.99 -24.10 -5.88
C PHE B 227 -17.49 -24.28 -6.17
N ASP B 228 -17.80 -24.69 -7.40
CA ASP B 228 -19.18 -24.85 -7.85
C ASP B 228 -19.92 -25.87 -6.97
N ARG B 229 -19.25 -26.98 -6.66
CA ARG B 229 -19.86 -28.01 -5.78
C ARG B 229 -20.24 -27.36 -4.44
N PHE B 230 -19.32 -26.58 -3.87
CA PHE B 230 -19.59 -25.95 -2.58
C PHE B 230 -20.89 -25.15 -2.65
N CYS B 231 -21.00 -24.34 -3.71
CA CYS B 231 -22.17 -23.49 -3.90
C CYS B 231 -23.43 -24.34 -4.08
N GLU B 232 -23.34 -25.39 -4.90
CA GLU B 232 -24.47 -26.27 -5.16
C GLU B 232 -24.98 -26.84 -3.83
N ARG B 233 -24.03 -27.24 -2.97
CA ARG B 233 -24.31 -27.86 -1.68
C ARG B 233 -25.14 -26.92 -0.81
N HIS B 234 -25.17 -25.61 -1.14
CA HIS B 234 -25.84 -24.58 -0.34
C HIS B 234 -26.89 -23.84 -1.16
N SER B 235 -27.49 -24.54 -2.13
CA SER B 235 -28.36 -23.92 -3.12
C SER B 235 -29.67 -23.43 -2.51
N SER B 236 -30.00 -23.88 -1.29
CA SER B 236 -31.22 -23.43 -0.64
C SER B 236 -31.01 -22.12 0.13
N GLN B 237 -29.78 -21.58 0.10
CA GLN B 237 -29.51 -20.30 0.74
C GLN B 237 -29.69 -19.21 -0.31
N THR B 238 -30.81 -18.48 -0.19
CA THR B 238 -31.20 -17.46 -1.15
C THR B 238 -30.35 -16.22 -0.93
N CYS B 239 -29.56 -16.22 0.16
CA CYS B 239 -28.69 -15.10 0.46
C CYS B 239 -27.28 -15.31 -0.12
N LEU B 240 -27.05 -16.47 -0.74
CA LEU B 240 -25.71 -16.78 -1.23
C LEU B 240 -25.39 -15.95 -2.47
N VAL B 241 -24.23 -15.28 -2.43
CA VAL B 241 -23.67 -14.52 -3.54
C VAL B 241 -22.31 -15.11 -3.89
N PRO B 242 -22.19 -15.96 -4.93
CA PRO B 242 -20.91 -16.59 -5.26
C PRO B 242 -20.01 -15.68 -6.09
N GLU B 243 -18.72 -15.69 -5.75
CA GLU B 243 -17.71 -14.98 -6.48
C GLU B 243 -16.59 -15.93 -6.81
N PRO B 244 -16.70 -16.63 -7.95
CA PRO B 244 -15.54 -17.29 -8.52
C PRO B 244 -14.46 -16.30 -8.93
N ASN B 245 -13.23 -16.80 -9.10
CA ASN B 245 -12.13 -15.91 -9.48
C ASN B 245 -12.52 -14.97 -10.62
N ARG B 246 -13.20 -15.48 -11.68
CA ARG B 246 -13.51 -14.72 -12.87
C ARG B 246 -14.27 -13.44 -12.53
N LEU B 247 -15.17 -13.51 -11.54
CA LEU B 247 -16.04 -12.40 -11.18
C LEU B 247 -15.38 -11.51 -10.12
N MET B 248 -14.57 -12.09 -9.24
CA MET B 248 -13.96 -11.31 -8.17
C MET B 248 -12.72 -10.55 -8.61
N ALA B 249 -11.94 -11.04 -9.58
CA ALA B 249 -10.61 -10.49 -9.84
C ALA B 249 -10.64 -8.97 -10.04
N LYS B 250 -11.51 -8.49 -10.92
CA LYS B 250 -11.39 -7.14 -11.45
C LYS B 250 -12.68 -6.33 -11.34
N SER B 251 -13.60 -6.74 -10.46
CA SER B 251 -14.96 -6.24 -10.39
C SER B 251 -15.15 -5.28 -9.22
N TYR B 252 -14.04 -4.94 -8.54
CA TYR B 252 -14.11 -4.00 -7.43
C TYR B 252 -13.32 -2.73 -7.68
N LEU B 253 -13.81 -1.64 -7.07
CA LEU B 253 -13.06 -0.41 -7.00
C LEU B 253 -12.43 -0.33 -5.63
N ILE B 254 -11.10 -0.34 -5.60
CA ILE B 254 -10.36 -0.49 -4.36
C ILE B 254 -9.43 0.71 -4.18
N LEU B 255 -9.64 1.45 -3.08
CA LEU B 255 -8.70 2.47 -2.62
C LEU B 255 -7.80 1.91 -1.51
N ASP B 256 -6.52 2.25 -1.59
CA ASP B 256 -5.56 1.82 -0.59
C ASP B 256 -5.49 2.89 0.51
N GLU B 257 -4.48 2.75 1.39
CA GLU B 257 -4.34 3.57 2.58
C GLU B 257 -3.90 5.00 2.26
N TYR B 258 -3.44 5.22 1.01
CA TYR B 258 -3.08 6.53 0.50
C TYR B 258 -4.16 7.08 -0.44
N MET B 259 -5.33 6.43 -0.50
CA MET B 259 -6.45 6.74 -1.39
C MET B 259 -6.02 6.77 -2.86
N ARG B 260 -5.21 5.77 -3.22
CA ARG B 260 -4.89 5.38 -4.58
C ARG B 260 -5.73 4.16 -4.99
N PHE B 261 -6.21 4.14 -6.23
CA PHE B 261 -6.92 2.96 -6.75
C PHE B 261 -5.90 1.86 -7.07
N LEU B 262 -6.22 0.62 -6.69
CA LEU B 262 -5.32 -0.51 -6.93
C LEU B 262 -5.84 -1.34 -8.10
N ASP B 263 -4.92 -1.86 -8.92
CA ASP B 263 -5.31 -2.60 -10.10
C ASP B 263 -5.50 -4.08 -9.75
N ARG B 264 -4.90 -4.55 -8.66
CA ARG B 264 -4.99 -5.93 -8.18
C ARG B 264 -4.38 -6.92 -9.18
N ASN B 265 -3.33 -6.53 -9.91
CA ASN B 265 -2.75 -7.42 -10.92
C ASN B 265 -1.26 -7.10 -11.16
N GLY B 266 -0.57 -6.59 -10.13
CA GLY B 266 0.87 -6.35 -10.20
C GLY B 266 1.23 -4.98 -10.80
N GLN B 267 0.30 -4.37 -11.55
CA GLN B 267 0.52 -3.03 -12.09
C GLN B 267 0.59 -2.02 -10.94
N GLN B 268 0.98 -0.79 -11.27
CA GLN B 268 1.21 0.24 -10.26
C GLN B 268 -0.12 0.83 -9.80
N PRO B 269 -0.24 1.29 -8.54
CA PRO B 269 -1.45 1.99 -8.10
C PRO B 269 -1.60 3.33 -8.84
N SER B 270 -2.83 3.85 -8.93
CA SER B 270 -3.02 5.20 -9.43
C SER B 270 -2.24 6.16 -8.53
N LYS B 271 -2.11 7.42 -8.97
CA LYS B 271 -1.81 8.47 -8.02
C LYS B 271 -3.05 8.64 -7.15
N SER B 272 -2.85 9.25 -5.98
CA SER B 272 -3.91 9.44 -5.02
C SER B 272 -5.01 10.33 -5.62
N ILE B 273 -6.26 9.99 -5.32
CA ILE B 273 -7.36 10.86 -5.67
C ILE B 273 -7.15 12.24 -5.05
N LEU B 274 -6.44 12.31 -3.92
CA LEU B 274 -6.19 13.55 -3.20
C LEU B 274 -5.27 14.47 -4.02
N GLU B 275 -4.46 13.89 -4.88
CA GLU B 275 -3.45 14.59 -5.68
C GLU B 275 -3.94 14.89 -7.09
N VAL B 276 -4.74 14.01 -7.70
CA VAL B 276 -5.10 14.17 -9.10
C VAL B 276 -6.61 14.15 -9.32
N GLY B 277 -7.39 13.83 -8.27
CA GLY B 277 -8.82 13.73 -8.42
C GLY B 277 -9.27 12.34 -8.83
N VAL B 278 -10.57 12.13 -8.74
CA VAL B 278 -11.17 10.82 -8.97
C VAL B 278 -11.05 10.41 -10.43
N GLN B 279 -11.41 11.31 -11.36
CA GLN B 279 -11.41 10.97 -12.79
C GLN B 279 -10.04 10.49 -13.27
N GLN B 280 -8.95 11.21 -12.96
CA GLN B 280 -7.62 10.89 -13.46
C GLN B 280 -7.13 9.60 -12.82
N ALA B 281 -7.44 9.43 -11.53
CA ALA B 281 -6.96 8.27 -10.80
C ALA B 281 -7.60 7.01 -11.37
N LEU B 282 -8.91 7.08 -11.63
CA LEU B 282 -9.70 5.93 -12.06
C LEU B 282 -9.31 5.48 -13.45
N GLN B 283 -8.70 6.38 -14.24
CA GLN B 283 -8.45 6.03 -15.62
C GLN B 283 -7.17 5.20 -15.67
N ALA B 284 -6.48 5.11 -14.52
CA ALA B 284 -5.24 4.37 -14.38
C ALA B 284 -5.46 2.91 -13.99
N VAL B 285 -6.72 2.50 -13.79
CA VAL B 285 -6.99 1.13 -13.39
C VAL B 285 -8.10 0.59 -14.27
N PHE B 286 -8.16 -0.74 -14.34
CA PHE B 286 -9.29 -1.39 -14.97
C PHE B 286 -10.32 -1.74 -13.92
N TRP B 287 -11.58 -1.44 -14.23
CA TRP B 287 -12.73 -1.89 -13.47
C TRP B 287 -13.71 -2.55 -14.41
N ASP B 288 -13.97 -3.85 -14.19
CA ASP B 288 -14.87 -4.61 -15.05
C ASP B 288 -16.29 -4.40 -14.56
N GLU B 289 -16.97 -3.40 -15.10
CA GLU B 289 -18.28 -3.05 -14.56
C GLU B 289 -19.32 -4.11 -14.94
N GLU B 290 -19.12 -4.87 -16.04
CA GLU B 290 -19.99 -5.98 -16.36
C GLU B 290 -19.87 -7.09 -15.30
N ALA B 291 -18.64 -7.43 -14.90
CA ALA B 291 -18.44 -8.40 -13.82
C ALA B 291 -19.10 -7.93 -12.53
N PHE B 292 -18.91 -6.64 -12.25
CA PHE B 292 -19.48 -6.00 -11.07
C PHE B 292 -20.98 -6.24 -11.04
N VAL B 293 -21.67 -5.97 -12.16
CA VAL B 293 -23.11 -6.18 -12.22
C VAL B 293 -23.44 -7.68 -12.09
N GLU B 294 -22.70 -8.52 -12.81
CA GLU B 294 -22.98 -9.94 -12.84
C GLU B 294 -22.87 -10.57 -11.45
N ARG B 295 -21.95 -10.10 -10.61
CA ARG B 295 -21.80 -10.70 -9.28
C ARG B 295 -22.77 -10.13 -8.27
N GLY B 296 -23.58 -9.15 -8.68
CA GLY B 296 -24.65 -8.58 -7.87
C GLY B 296 -24.16 -7.36 -7.09
N GLY B 297 -23.24 -6.62 -7.68
CA GLY B 297 -22.64 -5.45 -7.04
C GLY B 297 -23.66 -4.35 -6.76
N ILE B 298 -24.73 -4.29 -7.59
CA ILE B 298 -25.86 -3.38 -7.35
C ILE B 298 -26.97 -4.15 -6.68
N TYR B 299 -27.29 -3.81 -5.43
CA TYR B 299 -28.37 -4.45 -4.69
C TYR B 299 -29.03 -3.46 -3.74
N ASP B 300 -29.98 -3.96 -2.96
CA ASP B 300 -30.71 -3.16 -1.99
C ASP B 300 -29.84 -2.99 -0.74
N TRP B 301 -29.06 -1.91 -0.74
CA TRP B 301 -27.94 -1.79 0.17
C TRP B 301 -28.23 -0.84 1.34
N ASN B 302 -29.52 -0.57 1.59
CA ASN B 302 -29.91 0.06 2.84
C ASN B 302 -31.34 -0.38 3.12
N LYS B 303 -31.89 0.01 4.28
CA LYS B 303 -33.19 -0.50 4.70
C LYS B 303 -34.31 0.19 3.94
N SER B 304 -34.09 1.46 3.55
CA SER B 304 -34.98 2.16 2.64
C SER B 304 -35.18 1.36 1.34
N SER B 305 -34.10 0.72 0.86
CA SER B 305 -34.17 -0.09 -0.35
C SER B 305 -35.01 -1.34 -0.10
N GLN C 25 3.42 15.15 -20.16
CA GLN C 25 4.69 14.61 -20.71
C GLN C 25 4.80 15.06 -22.17
N VAL C 26 6.01 15.47 -22.58
CA VAL C 26 6.24 15.90 -23.95
C VAL C 26 6.54 14.66 -24.80
N PRO C 27 5.76 14.37 -25.86
CA PRO C 27 5.98 13.15 -26.66
C PRO C 27 7.08 13.32 -27.71
N VAL C 28 8.33 13.29 -27.27
CA VAL C 28 9.44 13.71 -28.11
C VAL C 28 9.77 12.64 -29.17
N SER C 29 9.60 11.35 -28.86
CA SER C 29 9.96 10.26 -29.78
C SER C 29 8.84 9.25 -29.76
N VAL C 30 8.17 9.13 -30.92
CA VAL C 30 6.97 8.33 -31.01
C VAL C 30 7.16 7.27 -32.08
N ASN C 31 6.62 6.10 -31.75
CA ASN C 31 6.52 4.99 -32.68
C ASN C 31 5.09 4.94 -33.23
N TYR C 32 4.97 5.05 -34.55
CA TYR C 32 3.66 4.94 -35.19
C TYR C 32 3.60 3.63 -35.95
N HIS C 33 2.89 2.66 -35.37
CA HIS C 33 2.67 1.34 -35.93
C HIS C 33 1.42 1.40 -36.79
N PHE C 34 1.59 1.91 -38.01
CA PHE C 34 0.51 2.46 -38.82
C PHE C 34 -0.35 1.35 -39.43
N SER C 35 0.18 0.12 -39.47
N SER C 35 0.18 0.13 -39.50
CA SER C 35 -0.54 -1.03 -39.98
CA SER C 35 -0.58 -1.03 -39.95
C SER C 35 -0.13 -2.28 -39.21
C SER C 35 -0.21 -2.24 -39.12
N ARG C 36 -0.93 -3.36 -39.30
CA ARG C 36 -0.64 -4.61 -38.62
C ARG C 36 -0.31 -5.76 -39.56
N LYS C 37 -0.38 -5.55 -40.88
CA LYS C 37 -0.09 -6.61 -41.81
C LYS C 37 1.41 -6.84 -41.88
N CYS C 38 1.85 -8.10 -41.97
CA CYS C 38 3.26 -8.42 -42.17
C CYS C 38 3.40 -9.61 -43.12
N ASN C 39 4.55 -9.68 -43.81
CA ASN C 39 4.81 -10.79 -44.74
C ASN C 39 5.38 -12.00 -43.98
N LYS C 40 5.92 -11.78 -42.75
CA LYS C 40 6.72 -12.80 -42.07
C LYS C 40 5.91 -13.44 -40.94
N GLU C 41 6.55 -14.40 -40.24
CA GLU C 41 5.94 -15.23 -39.21
C GLU C 41 6.85 -15.40 -38.00
N CYS C 42 7.51 -14.31 -37.56
CA CYS C 42 8.33 -14.34 -36.35
C CYS C 42 7.47 -14.84 -35.19
N LEU C 43 8.01 -15.83 -34.47
CA LEU C 43 7.27 -16.56 -33.45
C LEU C 43 7.02 -15.65 -32.24
N PHE C 44 7.94 -14.70 -32.02
CA PHE C 44 7.95 -13.88 -30.80
C PHE C 44 7.19 -12.57 -30.98
N CYS C 45 6.66 -12.31 -32.20
CA CYS C 45 6.19 -10.99 -32.62
C CYS C 45 5.19 -10.43 -31.60
N PHE C 46 5.51 -9.23 -31.08
CA PHE C 46 4.69 -8.60 -30.05
C PHE C 46 3.81 -7.51 -30.66
N HIS C 47 3.67 -7.49 -31.99
CA HIS C 47 2.76 -6.59 -32.66
C HIS C 47 2.18 -7.38 -33.83
N THR C 48 1.03 -8.03 -33.58
CA THR C 48 0.51 -9.13 -34.39
C THR C 48 -0.53 -8.62 -35.38
N ALA C 49 -0.81 -9.44 -36.41
CA ALA C 49 -1.70 -9.06 -37.49
C ALA C 49 -3.16 -9.31 -37.11
N THR C 50 -3.71 -8.47 -36.21
CA THR C 50 -5.06 -8.63 -35.68
C THR C 50 -6.07 -7.76 -36.45
N THR C 51 -5.59 -6.76 -37.21
CA THR C 51 -6.45 -6.01 -38.12
C THR C 51 -5.68 -5.67 -39.39
N SER C 52 -6.41 -5.19 -40.41
CA SER C 52 -5.80 -4.71 -41.64
C SER C 52 -6.04 -3.21 -41.81
N HIS C 53 -6.64 -2.55 -40.80
CA HIS C 53 -6.93 -1.13 -40.88
C HIS C 53 -5.64 -0.32 -41.00
N VAL C 54 -5.70 0.71 -41.87
CA VAL C 54 -4.66 1.72 -42.00
C VAL C 54 -5.35 3.07 -42.20
N GLU C 55 -4.94 4.07 -41.43
CA GLU C 55 -5.50 5.41 -41.53
C GLU C 55 -5.45 5.90 -42.96
N LYS C 56 -6.34 6.86 -43.28
CA LYS C 56 -6.29 7.54 -44.57
C LYS C 56 -5.11 8.50 -44.51
N PRO C 57 -4.40 8.76 -45.64
CA PRO C 57 -3.23 9.65 -45.62
C PRO C 57 -3.53 10.94 -44.89
N GLU C 58 -4.63 11.61 -45.26
CA GLU C 58 -4.87 12.95 -44.72
C GLU C 58 -5.05 12.86 -43.20
N ASN C 59 -5.65 11.77 -42.72
CA ASN C 59 -5.90 11.56 -41.30
C ASN C 59 -4.60 11.25 -40.53
N ALA C 60 -3.69 10.52 -41.15
CA ALA C 60 -2.37 10.33 -40.56
C ALA C 60 -1.59 11.64 -40.53
N LYS C 61 -1.64 12.41 -41.62
CA LYS C 61 -0.90 13.66 -41.64
C LYS C 61 -1.43 14.56 -40.53
N ARG C 62 -2.76 14.53 -40.33
CA ARG C 62 -3.35 15.39 -39.31
C ARG C 62 -2.83 14.96 -37.94
N GLY C 63 -2.84 13.65 -37.66
CA GLY C 63 -2.31 13.12 -36.41
C GLY C 63 -0.83 13.43 -36.18
N LEU C 64 0.00 13.33 -37.23
CA LEU C 64 1.42 13.65 -37.13
C LEU C 64 1.59 15.16 -36.87
N THR C 65 0.72 15.97 -37.47
CA THR C 65 0.73 17.41 -37.19
C THR C 65 0.48 17.69 -35.70
N LEU C 66 -0.50 16.99 -35.12
CA LEU C 66 -0.84 17.16 -33.72
C LEU C 66 0.38 16.84 -32.86
N LEU C 67 1.14 15.82 -33.29
CA LEU C 67 2.31 15.35 -32.52
C LEU C 67 3.44 16.38 -32.61
N LYS C 68 3.73 16.89 -33.81
CA LYS C 68 4.73 17.93 -33.98
C LYS C 68 4.35 19.11 -33.09
N GLN C 69 3.06 19.47 -33.07
CA GLN C 69 2.61 20.63 -32.31
C GLN C 69 2.81 20.40 -30.82
N ALA C 70 2.69 19.12 -30.40
CA ALA C 70 2.84 18.69 -29.02
C ALA C 70 4.31 18.54 -28.61
N GLY C 71 5.27 18.69 -29.52
CA GLY C 71 6.70 18.64 -29.18
C GLY C 71 7.41 17.38 -29.69
N MET C 72 6.78 16.57 -30.56
CA MET C 72 7.48 15.43 -31.16
C MET C 72 8.65 15.93 -32.02
N LYS C 73 9.80 15.26 -31.89
CA LYS C 73 10.99 15.50 -32.69
C LYS C 73 11.41 14.27 -33.52
N LYS C 74 11.11 13.04 -33.05
CA LYS C 74 11.43 11.79 -33.77
C LYS C 74 10.15 10.99 -33.97
N ILE C 75 10.01 10.45 -35.19
CA ILE C 75 8.97 9.49 -35.48
C ILE C 75 9.72 8.29 -36.06
N ASN C 76 9.32 7.14 -35.56
CA ASN C 76 9.75 5.86 -36.09
C ASN C 76 8.52 5.20 -36.69
N PHE C 77 8.63 4.91 -38.00
CA PHE C 77 7.56 4.24 -38.71
C PHE C 77 7.72 2.73 -38.55
N ALA C 78 6.69 2.11 -37.99
CA ALA C 78 6.73 0.69 -37.69
C ALA C 78 5.36 0.10 -37.99
N GLY C 79 5.14 -1.12 -37.51
CA GLY C 79 3.89 -1.84 -37.68
C GLY C 79 3.93 -3.16 -36.90
N GLY C 80 3.55 -4.29 -37.51
CA GLY C 80 3.30 -4.40 -38.95
C GLY C 80 4.57 -4.19 -39.76
N GLU C 81 4.49 -4.47 -41.08
CA GLU C 81 5.65 -4.34 -41.96
C GLU C 81 5.48 -3.09 -42.80
N PRO C 82 6.27 -2.04 -42.57
CA PRO C 82 6.01 -0.79 -43.25
C PRO C 82 6.09 -0.89 -44.76
N PHE C 83 6.93 -1.80 -45.26
CA PHE C 83 7.24 -1.82 -46.69
C PHE C 83 6.17 -2.58 -47.47
N LEU C 84 5.13 -3.05 -46.80
CA LEU C 84 3.92 -3.44 -47.52
C LEU C 84 3.19 -2.24 -48.10
N TYR C 85 3.38 -1.06 -47.52
CA TYR C 85 2.75 0.15 -48.00
C TYR C 85 3.78 1.18 -48.45
N PRO C 86 4.57 0.93 -49.52
CA PRO C 86 5.55 1.93 -49.95
C PRO C 86 4.96 3.28 -50.35
N LYS C 87 3.69 3.34 -50.80
CA LYS C 87 3.14 4.62 -51.20
C LYS C 87 2.75 5.42 -49.96
N PHE C 88 1.99 4.81 -49.04
CA PHE C 88 1.72 5.41 -47.74
C PHE C 88 3.02 5.82 -47.04
N LEU C 89 3.96 4.87 -46.92
CA LEU C 89 5.21 5.13 -46.19
C LEU C 89 5.97 6.32 -46.82
N GLY C 90 6.18 6.29 -48.14
CA GLY C 90 6.80 7.37 -48.88
C GLY C 90 6.12 8.74 -48.64
N GLU C 91 4.79 8.77 -48.71
CA GLU C 91 4.03 10.00 -48.46
C GLU C 91 4.22 10.51 -47.03
N MET C 92 4.23 9.60 -46.04
CA MET C 92 4.30 10.01 -44.65
C MET C 92 5.70 10.54 -44.33
N ILE C 93 6.75 9.93 -44.90
N ILE C 93 6.71 9.87 -44.91
CA ILE C 93 8.10 10.35 -44.55
CA ILE C 93 8.09 10.24 -44.69
C ILE C 93 8.42 11.67 -45.23
C ILE C 93 8.32 11.65 -45.20
N ASP C 94 7.92 11.87 -46.46
CA ASP C 94 8.13 13.12 -47.16
C ASP C 94 7.42 14.23 -46.39
N PHE C 95 6.19 13.96 -45.91
CA PHE C 95 5.41 14.94 -45.18
C PHE C 95 6.08 15.24 -43.85
N CYS C 96 6.63 14.22 -43.17
CA CYS C 96 7.26 14.44 -41.87
C CYS C 96 8.51 15.29 -42.00
N LYS C 97 9.40 14.92 -42.92
CA LYS C 97 10.66 15.64 -43.06
C LYS C 97 10.41 17.02 -43.65
N GLU C 98 9.62 17.13 -44.74
CA GLU C 98 9.57 18.37 -45.52
C GLU C 98 8.60 19.40 -44.93
N THR C 99 7.38 18.95 -44.59
CA THR C 99 6.32 19.83 -44.10
C THR C 99 6.44 20.09 -42.61
N LEU C 100 6.62 19.03 -41.81
CA LEU C 100 6.66 19.15 -40.36
C LEU C 100 8.10 19.43 -39.90
N GLN C 101 9.11 19.24 -40.77
CA GLN C 101 10.50 19.52 -40.44
C GLN C 101 10.88 18.88 -39.10
N LEU C 102 10.45 17.62 -38.91
CA LEU C 102 10.86 16.80 -37.77
C LEU C 102 12.38 16.62 -37.76
N GLU C 103 12.93 16.41 -36.54
CA GLU C 103 14.38 16.31 -36.41
C GLU C 103 14.83 14.96 -36.94
N SER C 104 14.04 13.89 -36.68
CA SER C 104 14.43 12.52 -37.01
C SER C 104 13.26 11.67 -37.51
N VAL C 105 13.49 11.03 -38.68
CA VAL C 105 12.53 10.13 -39.31
C VAL C 105 13.21 8.79 -39.54
N SER C 106 12.67 7.75 -38.89
CA SER C 106 13.28 6.44 -38.95
C SER C 106 12.22 5.45 -39.36
N ILE C 107 12.66 4.30 -39.86
CA ILE C 107 11.77 3.18 -40.22
C ILE C 107 12.34 1.91 -39.63
N VAL C 108 11.48 1.00 -39.16
CA VAL C 108 11.92 -0.33 -38.77
C VAL C 108 11.25 -1.36 -39.69
N THR C 109 12.06 -2.27 -40.27
CA THR C 109 11.58 -3.23 -41.26
C THR C 109 12.28 -4.58 -41.09
N ASN C 110 11.61 -5.63 -41.57
CA ASN C 110 12.27 -6.91 -41.78
C ASN C 110 13.24 -6.89 -42.97
N GLY C 111 13.07 -5.93 -43.89
CA GLY C 111 14.11 -5.67 -44.87
C GLY C 111 13.92 -6.46 -46.16
N SER C 112 12.98 -7.40 -46.16
CA SER C 112 12.83 -8.31 -47.29
C SER C 112 12.27 -7.56 -48.49
N LEU C 113 11.40 -6.56 -48.24
CA LEU C 113 10.64 -5.87 -49.29
C LEU C 113 11.19 -4.48 -49.57
N VAL C 114 12.35 -4.12 -49.03
N VAL C 114 12.36 -4.16 -49.01
CA VAL C 114 12.92 -2.82 -49.36
CA VAL C 114 13.07 -2.93 -49.32
C VAL C 114 13.72 -2.95 -50.65
C VAL C 114 13.61 -3.04 -50.76
N LYS C 115 13.56 -1.94 -51.52
CA LYS C 115 14.19 -1.87 -52.83
C LYS C 115 14.99 -0.57 -52.96
N GLU C 116 16.03 -0.61 -53.81
CA GLU C 116 16.93 0.51 -53.94
C GLU C 116 16.16 1.76 -54.37
N GLN C 117 15.21 1.58 -55.29
CA GLN C 117 14.43 2.68 -55.84
C GLN C 117 13.73 3.44 -54.71
N PHE C 118 13.30 2.71 -53.68
CA PHE C 118 12.65 3.38 -52.58
C PHE C 118 13.64 4.29 -51.86
N LEU C 119 14.88 3.85 -51.67
CA LEU C 119 15.86 4.64 -50.91
C LEU C 119 16.37 5.85 -51.72
N GLN C 120 16.46 5.68 -53.05
CA GLN C 120 16.82 6.76 -53.95
C GLN C 120 15.76 7.86 -53.93
N LYS C 121 14.48 7.46 -54.04
CA LYS C 121 13.39 8.42 -54.12
C LYS C 121 13.23 9.17 -52.79
N HIS C 122 13.43 8.47 -51.65
CA HIS C 122 13.02 9.00 -50.36
C HIS C 122 14.17 9.20 -49.36
N GLY C 123 15.36 8.72 -49.70
CA GLY C 123 16.56 8.89 -48.89
C GLY C 123 16.77 10.27 -48.23
N ARG C 124 16.49 11.37 -48.92
CA ARG C 124 16.71 12.69 -48.33
C ARG C 124 15.83 12.86 -47.08
N ASN C 125 14.74 12.11 -47.00
CA ASN C 125 13.76 12.31 -45.94
C ASN C 125 13.84 11.21 -44.90
N ILE C 126 14.76 10.25 -45.06
CA ILE C 126 14.92 9.14 -44.13
C ILE C 126 16.21 9.35 -43.36
N ASP C 127 16.08 9.77 -42.10
CA ASP C 127 17.28 10.01 -41.32
C ASP C 127 17.93 8.66 -41.00
N ILE C 128 17.11 7.66 -40.60
CA ILE C 128 17.58 6.36 -40.16
C ILE C 128 16.74 5.21 -40.70
N LEU C 129 17.40 4.09 -41.06
CA LEU C 129 16.74 2.87 -41.48
C LEU C 129 17.23 1.71 -40.60
N ALA C 130 16.29 1.06 -39.90
CA ALA C 130 16.58 -0.06 -39.02
C ALA C 130 16.10 -1.33 -39.68
N VAL C 131 17.03 -2.27 -39.78
CA VAL C 131 16.66 -3.56 -40.32
C VAL C 131 16.74 -4.54 -39.18
N SER C 132 15.68 -5.33 -39.05
CA SER C 132 15.54 -6.36 -38.05
C SER C 132 16.10 -7.69 -38.54
N CYS C 133 17.30 -8.01 -38.05
CA CYS C 133 17.95 -9.28 -38.31
C CYS C 133 18.46 -9.86 -36.99
N ASP C 134 17.90 -10.99 -36.56
CA ASP C 134 18.17 -11.53 -35.24
C ASP C 134 19.34 -12.51 -35.23
N SER C 135 19.73 -13.06 -36.40
CA SER C 135 20.86 -13.97 -36.49
C SER C 135 21.68 -13.67 -37.75
N PHE C 136 22.85 -14.31 -37.85
CA PHE C 136 23.62 -14.36 -39.08
C PHE C 136 23.72 -15.82 -39.52
N ASN C 137 22.83 -16.66 -38.97
CA ASN C 137 22.65 -18.04 -39.39
C ASN C 137 21.21 -18.23 -39.87
N GLU C 138 21.09 -18.59 -41.15
CA GLU C 138 19.80 -18.64 -41.82
C GLU C 138 18.97 -19.82 -41.26
N ALA C 139 19.64 -20.86 -40.76
CA ALA C 139 18.96 -21.95 -40.10
C ALA C 139 18.15 -21.45 -38.91
N THR C 140 18.74 -20.50 -38.16
CA THR C 140 18.13 -19.92 -36.99
C THR C 140 16.94 -19.05 -37.40
N ASN C 141 17.19 -18.08 -38.29
CA ASN C 141 16.19 -17.16 -38.78
C ASN C 141 14.96 -17.93 -39.26
N ILE C 142 15.21 -19.08 -39.91
CA ILE C 142 14.15 -19.99 -40.34
C ILE C 142 13.34 -20.42 -39.13
N LYS C 143 14.03 -21.04 -38.17
CA LYS C 143 13.36 -21.53 -36.98
C LYS C 143 12.60 -20.38 -36.28
N ILE C 144 13.17 -19.15 -36.27
CA ILE C 144 12.49 -18.01 -35.64
C ILE C 144 11.20 -17.68 -36.39
N GLY C 145 11.23 -17.79 -37.72
CA GLY C 145 10.08 -17.50 -38.56
C GLY C 145 10.20 -16.19 -39.35
N ARG C 146 11.32 -15.48 -39.19
CA ARG C 146 11.64 -14.32 -40.02
C ARG C 146 12.23 -14.79 -41.35
N GLY C 147 12.98 -15.90 -41.31
CA GLY C 147 13.97 -16.23 -42.33
C GLY C 147 13.38 -16.94 -43.55
N SER C 148 13.80 -16.48 -44.74
CA SER C 148 13.61 -17.19 -45.99
C SER C 148 14.97 -17.42 -46.64
N GLY C 149 16.02 -17.43 -45.82
CA GLY C 149 17.37 -17.79 -46.26
C GLY C 149 18.22 -16.60 -46.71
N ASP C 150 17.58 -15.47 -47.06
CA ASP C 150 18.26 -14.38 -47.75
C ASP C 150 18.47 -13.17 -46.85
N ASN C 151 18.15 -13.32 -45.55
CA ASN C 151 18.17 -12.21 -44.62
C ASN C 151 19.51 -11.50 -44.71
N VAL C 152 20.61 -12.26 -44.64
CA VAL C 152 21.93 -11.67 -44.44
C VAL C 152 22.38 -10.99 -45.73
N GLN C 153 22.19 -11.65 -46.88
CA GLN C 153 22.53 -11.03 -48.15
C GLN C 153 21.76 -9.70 -48.27
N LYS C 154 20.48 -9.72 -47.88
CA LYS C 154 19.64 -8.54 -47.96
C LYS C 154 20.13 -7.46 -46.99
N LEU C 155 20.56 -7.87 -45.79
CA LEU C 155 21.02 -6.91 -44.80
C LEU C 155 22.23 -6.11 -45.33
N TYR C 156 23.24 -6.82 -45.87
CA TYR C 156 24.47 -6.17 -46.35
C TYR C 156 24.13 -5.18 -47.47
N GLU C 157 23.22 -5.60 -48.35
CA GLU C 157 22.77 -4.78 -49.47
C GLU C 157 22.26 -3.43 -48.97
N ILE C 158 21.38 -3.51 -47.96
CA ILE C 158 20.75 -2.32 -47.42
C ILE C 158 21.82 -1.42 -46.82
N GLY C 159 22.70 -2.03 -46.02
CA GLY C 159 23.88 -1.35 -45.50
C GLY C 159 24.54 -0.49 -46.56
N SER C 160 24.87 -1.10 -47.69
CA SER C 160 25.58 -0.41 -48.76
C SER C 160 24.70 0.70 -49.35
N TRP C 161 23.41 0.39 -49.54
CA TRP C 161 22.43 1.37 -50.01
C TRP C 161 22.43 2.59 -49.09
N CYS C 162 22.44 2.36 -47.77
CA CYS C 162 22.36 3.45 -46.80
C CYS C 162 23.53 4.42 -46.94
N GLN C 163 24.68 3.85 -47.32
CA GLN C 163 25.92 4.59 -47.54
C GLN C 163 25.77 5.43 -48.81
N LYS C 164 25.33 4.73 -49.87
CA LYS C 164 25.13 5.32 -51.18
C LYS C 164 24.12 6.46 -51.14
N TYR C 165 23.07 6.36 -50.29
CA TYR C 165 22.01 7.36 -50.31
C TYR C 165 21.95 8.18 -49.02
N ASP C 166 23.01 8.15 -48.19
CA ASP C 166 23.13 9.05 -47.06
C ASP C 166 21.96 8.80 -46.08
N ILE C 167 21.91 7.58 -45.57
CA ILE C 167 20.93 7.18 -44.56
C ILE C 167 21.66 6.48 -43.42
N LYS C 168 21.45 6.95 -42.17
CA LYS C 168 22.08 6.29 -41.03
C LYS C 168 21.55 4.86 -40.96
N PHE C 169 22.45 3.89 -40.84
CA PHE C 169 22.08 2.48 -40.85
C PHE C 169 22.10 1.93 -39.43
N LYS C 170 20.93 1.42 -39.00
CA LYS C 170 20.75 0.85 -37.68
C LYS C 170 20.33 -0.61 -37.83
N LEU C 171 20.69 -1.44 -36.85
CA LEU C 171 20.30 -2.85 -36.81
C LEU C 171 19.58 -3.16 -35.50
N ASN C 172 18.57 -4.03 -35.60
CA ASN C 172 17.67 -4.38 -34.51
C ASN C 172 17.67 -5.88 -34.34
N THR C 173 18.16 -6.32 -33.18
CA THR C 173 18.27 -7.72 -32.83
C THR C 173 17.33 -8.01 -31.67
N VAL C 174 16.47 -9.01 -31.81
CA VAL C 174 15.76 -9.54 -30.64
C VAL C 174 16.54 -10.75 -30.08
N VAL C 175 16.99 -10.65 -28.82
CA VAL C 175 17.79 -11.68 -28.16
C VAL C 175 16.82 -12.67 -27.52
N ASN C 176 16.95 -13.96 -27.88
CA ASN C 176 15.94 -14.98 -27.61
C ASN C 176 16.61 -16.32 -27.30
N LYS C 177 15.77 -17.32 -26.97
CA LYS C 177 16.26 -18.65 -26.65
C LYS C 177 17.11 -19.19 -27.80
N PHE C 178 16.71 -18.87 -29.04
CA PHE C 178 17.27 -19.53 -30.20
C PHE C 178 18.61 -18.91 -30.63
N ASN C 179 18.93 -17.70 -30.16
CA ASN C 179 20.14 -17.04 -30.66
C ASN C 179 20.98 -16.43 -29.54
N HIS C 180 20.66 -16.74 -28.27
CA HIS C 180 21.28 -16.02 -27.16
C HIS C 180 22.73 -16.43 -26.95
N LEU C 181 23.15 -17.58 -27.51
CA LEU C 181 24.55 -17.99 -27.43
C LEU C 181 25.35 -17.53 -28.64
N GLU C 182 24.69 -17.01 -29.69
CA GLU C 182 25.38 -16.77 -30.96
C GLU C 182 26.42 -15.66 -30.78
N ASP C 183 27.46 -15.69 -31.63
CA ASP C 183 28.46 -14.63 -31.71
C ASP C 183 28.26 -13.88 -33.03
N MET C 184 28.02 -12.57 -32.93
CA MET C 184 27.71 -11.76 -34.11
C MET C 184 28.82 -10.72 -34.34
N ASN C 185 29.98 -10.90 -33.70
CA ASN C 185 30.95 -9.81 -33.59
C ASN C 185 31.59 -9.48 -34.95
N ASP C 186 31.92 -10.53 -35.73
CA ASP C 186 32.47 -10.32 -37.06
C ASP C 186 31.43 -9.60 -37.91
N HIS C 187 30.22 -10.17 -37.97
CA HIS C 187 29.15 -9.63 -38.80
C HIS C 187 28.88 -8.15 -38.47
N LEU C 188 28.94 -7.79 -37.18
CA LEU C 188 28.78 -6.40 -36.76
C LEU C 188 29.98 -5.53 -37.20
N ASN C 189 31.21 -6.08 -37.12
CA ASN C 189 32.41 -5.32 -37.41
C ASN C 189 32.48 -4.93 -38.89
N ALA C 190 31.93 -5.78 -39.76
CA ALA C 190 31.84 -5.47 -41.18
C ALA C 190 30.76 -4.42 -41.43
N LEU C 191 29.54 -4.68 -40.94
CA LEU C 191 28.35 -3.90 -41.27
C LEU C 191 28.45 -2.47 -40.72
N GLN C 192 29.05 -2.33 -39.54
CA GLN C 192 29.26 -1.07 -38.85
C GLN C 192 27.99 -0.21 -38.78
N PRO C 193 26.87 -0.74 -38.24
CA PRO C 193 25.77 0.13 -37.81
C PRO C 193 26.19 1.16 -36.77
N PHE C 194 25.64 2.39 -36.88
CA PHE C 194 25.89 3.43 -35.92
C PHE C 194 25.14 3.14 -34.62
N ARG C 195 24.10 2.32 -34.70
CA ARG C 195 23.26 2.02 -33.54
C ARG C 195 22.77 0.59 -33.67
N TRP C 196 22.99 -0.25 -32.65
CA TRP C 196 22.57 -1.65 -32.70
C TRP C 196 21.68 -1.96 -31.50
N LYS C 197 20.36 -2.19 -31.73
CA LYS C 197 19.42 -2.45 -30.65
C LYS C 197 19.34 -3.94 -30.37
N CYS C 198 19.61 -4.34 -29.12
CA CYS C 198 19.42 -5.71 -28.69
C CYS C 198 18.35 -5.79 -27.62
N PHE C 199 17.19 -6.34 -27.99
CA PHE C 199 16.04 -6.37 -27.10
C PHE C 199 16.01 -7.73 -26.45
N GLN C 200 15.97 -7.74 -25.11
CA GLN C 200 15.53 -8.94 -24.43
C GLN C 200 14.14 -9.20 -24.94
N VAL C 201 13.93 -10.37 -25.56
CA VAL C 201 12.60 -10.73 -26.04
C VAL C 201 11.59 -10.44 -24.93
N LEU C 202 10.40 -9.94 -25.32
CA LEU C 202 9.48 -9.35 -24.36
C LEU C 202 8.06 -9.89 -24.50
N ILE C 203 7.45 -10.24 -23.36
CA ILE C 203 6.04 -10.56 -23.33
C ILE C 203 5.25 -9.27 -23.19
N VAL C 204 4.23 -9.13 -24.04
CA VAL C 204 3.26 -8.05 -24.00
C VAL C 204 1.90 -8.72 -23.93
N THR C 205 1.19 -8.52 -22.81
CA THR C 205 -0.16 -9.04 -22.63
C THR C 205 -1.01 -8.68 -23.84
N GLY C 206 -1.76 -9.68 -24.33
CA GLY C 206 -2.70 -9.50 -25.43
C GLY C 206 -2.05 -9.51 -26.81
N GLU C 207 -0.72 -9.70 -26.87
CA GLU C 207 -0.03 -9.73 -28.15
C GLU C 207 0.58 -11.12 -28.36
N ASN C 208 1.40 -11.59 -27.40
CA ASN C 208 2.16 -12.83 -27.58
C ASN C 208 2.26 -13.67 -26.30
N ASP C 209 1.22 -13.63 -25.44
CA ASP C 209 1.34 -14.05 -24.05
C ASP C 209 0.57 -15.32 -23.74
N SER C 210 -0.15 -15.91 -24.70
CA SER C 210 -0.90 -17.14 -24.46
C SER C 210 -1.22 -17.83 -25.78
N ASP C 211 -2.05 -18.90 -25.72
CA ASP C 211 -2.52 -19.59 -26.91
C ASP C 211 -3.81 -18.96 -27.45
N LYS C 212 -4.35 -17.96 -26.73
CA LYS C 212 -5.45 -17.16 -27.24
C LYS C 212 -4.94 -16.19 -28.31
N THR C 213 -3.76 -15.59 -28.07
CA THR C 213 -3.18 -14.63 -29.00
C THR C 213 -2.62 -15.32 -30.24
N LEU C 214 -2.22 -14.52 -31.23
CA LEU C 214 -1.71 -15.05 -32.49
C LEU C 214 -0.32 -15.64 -32.30
N ARG C 215 0.40 -15.17 -31.28
CA ARG C 215 1.71 -15.71 -30.88
C ARG C 215 1.69 -16.11 -29.40
N ASN C 216 2.67 -16.97 -29.02
CA ASN C 216 2.99 -17.31 -27.64
C ASN C 216 4.51 -17.38 -27.49
N ALA C 217 5.14 -16.33 -26.96
CA ALA C 217 6.59 -16.20 -27.05
C ALA C 217 7.31 -16.86 -25.87
N HIS C 218 6.59 -17.74 -25.15
CA HIS C 218 6.98 -18.10 -23.80
C HIS C 218 8.12 -19.12 -23.79
N SER C 219 8.20 -19.97 -24.82
CA SER C 219 9.29 -20.93 -24.94
C SER C 219 10.55 -20.28 -25.50
N LEU C 220 10.44 -19.01 -25.89
CA LEU C 220 11.54 -18.26 -26.51
C LEU C 220 12.20 -17.29 -25.53
N THR C 221 11.49 -16.96 -24.43
CA THR C 221 11.97 -16.05 -23.38
C THR C 221 13.33 -16.52 -22.84
N ILE C 222 14.02 -15.62 -22.13
CA ILE C 222 15.34 -15.88 -21.61
C ILE C 222 15.49 -15.20 -20.25
N SER C 223 16.41 -15.73 -19.44
CA SER C 223 16.73 -15.16 -18.14
C SER C 223 17.39 -13.79 -18.32
N ASP C 224 17.45 -13.06 -17.20
CA ASP C 224 18.19 -11.81 -17.09
C ASP C 224 19.69 -12.10 -17.23
N ASP C 225 20.11 -13.28 -16.76
CA ASP C 225 21.51 -13.71 -16.83
C ASP C 225 21.89 -14.02 -18.28
N GLU C 226 21.06 -14.80 -18.96
CA GLU C 226 21.27 -15.19 -20.35
C GLU C 226 21.40 -13.97 -21.25
N PHE C 227 20.53 -12.98 -21.05
CA PHE C 227 20.55 -11.76 -21.83
C PHE C 227 21.90 -11.07 -21.64
N ASP C 228 22.37 -11.03 -20.38
CA ASP C 228 23.54 -10.25 -20.00
C ASP C 228 24.81 -10.85 -20.63
N ARG C 229 24.95 -12.18 -20.62
CA ARG C 229 26.12 -12.83 -21.20
C ARG C 229 26.25 -12.47 -22.67
N PHE C 230 25.09 -12.40 -23.34
CA PHE C 230 25.03 -11.99 -24.73
C PHE C 230 25.65 -10.60 -24.86
N CYS C 231 25.31 -9.70 -23.93
CA CYS C 231 25.66 -8.30 -24.07
C CYS C 231 27.14 -8.08 -23.70
N GLU C 232 27.65 -8.91 -22.78
CA GLU C 232 29.06 -8.94 -22.39
C GLU C 232 29.90 -9.57 -23.51
N ARG C 233 29.33 -10.59 -24.17
CA ARG C 233 29.95 -11.26 -25.31
C ARG C 233 30.27 -10.29 -26.44
N HIS C 234 29.60 -9.13 -26.43
CA HIS C 234 29.60 -8.20 -27.56
C HIS C 234 30.10 -6.84 -27.11
N SER C 235 31.00 -6.82 -26.11
CA SER C 235 31.30 -5.60 -25.37
C SER C 235 32.05 -4.56 -26.22
N SER C 236 32.85 -5.01 -27.18
CA SER C 236 33.69 -4.13 -27.98
C SER C 236 32.83 -3.29 -28.94
N GLN C 237 31.58 -3.71 -29.13
CA GLN C 237 30.65 -3.05 -30.05
C GLN C 237 30.10 -1.79 -29.40
N THR C 238 30.77 -0.66 -29.68
CA THR C 238 30.43 0.63 -29.10
C THR C 238 29.04 1.11 -29.54
N CYS C 239 28.46 0.50 -30.58
CA CYS C 239 27.14 0.87 -31.07
C CYS C 239 25.99 0.13 -30.35
N LEU C 240 26.31 -0.89 -29.56
CA LEU C 240 25.29 -1.75 -28.96
C LEU C 240 24.48 -0.98 -27.92
N VAL C 241 23.16 -1.26 -27.92
CA VAL C 241 22.20 -0.67 -27.01
C VAL C 241 21.30 -1.79 -26.46
N PRO C 242 21.48 -2.26 -25.20
CA PRO C 242 20.66 -3.35 -24.67
C PRO C 242 19.35 -2.90 -24.01
N GLU C 243 18.30 -3.73 -24.12
CA GLU C 243 17.01 -3.39 -23.53
C GLU C 243 16.38 -4.59 -22.84
N PRO C 244 16.76 -4.85 -21.57
CA PRO C 244 16.00 -5.77 -20.74
C PRO C 244 14.56 -5.32 -20.56
N ASN C 245 13.71 -6.27 -20.17
CA ASN C 245 12.29 -6.02 -20.01
C ASN C 245 12.07 -4.76 -19.16
N ARG C 246 12.87 -4.58 -18.10
CA ARG C 246 12.74 -3.46 -17.19
C ARG C 246 12.77 -2.11 -17.91
N LEU C 247 13.63 -2.00 -18.93
CA LEU C 247 13.89 -0.75 -19.63
C LEU C 247 12.93 -0.59 -20.81
N MET C 248 12.44 -1.70 -21.37
CA MET C 248 11.71 -1.64 -22.63
C MET C 248 10.20 -1.53 -22.37
N ALA C 249 9.75 -2.14 -21.28
CA ALA C 249 8.33 -2.44 -21.11
C ALA C 249 7.50 -1.18 -21.26
N LYS C 250 7.93 -0.07 -20.65
CA LYS C 250 7.06 1.09 -20.54
C LYS C 250 7.75 2.41 -20.88
N SER C 251 8.81 2.40 -21.71
CA SER C 251 9.70 3.53 -21.99
C SER C 251 9.47 4.13 -23.37
N TYR C 252 8.40 3.67 -24.03
CA TYR C 252 8.11 4.08 -25.39
C TYR C 252 6.71 4.68 -25.44
N LEU C 253 6.54 5.56 -26.41
CA LEU C 253 5.24 6.08 -26.81
C LEU C 253 4.84 5.40 -28.11
N ILE C 254 3.74 4.62 -28.09
CA ILE C 254 3.38 3.70 -29.16
C ILE C 254 1.96 4.00 -29.61
N LEU C 255 1.81 4.35 -30.89
CA LEU C 255 0.50 4.57 -31.49
C LEU C 255 0.13 3.36 -32.32
N ASP C 256 -1.16 3.04 -32.32
CA ASP C 256 -1.63 1.94 -33.12
C ASP C 256 -2.15 2.47 -34.45
N GLU C 257 -2.85 1.57 -35.16
CA GLU C 257 -3.27 1.83 -36.53
C GLU C 257 -4.42 2.83 -36.55
N TYR C 258 -5.04 3.16 -35.39
CA TYR C 258 -6.03 4.23 -35.30
C TYR C 258 -5.45 5.48 -34.62
N MET C 259 -4.14 5.45 -34.36
CA MET C 259 -3.39 6.53 -33.75
C MET C 259 -3.84 6.72 -32.29
N ARG C 260 -4.11 5.58 -31.65
CA ARG C 260 -4.34 5.49 -30.21
C ARG C 260 -3.05 5.06 -29.51
N PHE C 261 -2.73 5.69 -28.38
CA PHE C 261 -1.56 5.31 -27.59
C PHE C 261 -1.80 3.96 -26.93
N LEU C 262 -0.84 3.03 -27.06
CA LEU C 262 -0.95 1.72 -26.42
C LEU C 262 -0.18 1.68 -25.09
N ASP C 263 -0.71 0.91 -24.12
CA ASP C 263 -0.12 0.76 -22.79
C ASP C 263 0.67 -0.55 -22.70
N ARG C 264 0.51 -1.44 -23.69
CA ARG C 264 1.33 -2.64 -23.82
C ARG C 264 1.21 -3.52 -22.57
N PRO C 269 -6.29 0.70 -24.71
CA PRO C 269 -5.77 1.85 -25.50
C PRO C 269 -6.50 3.14 -25.17
N SER C 270 -5.84 4.27 -25.41
CA SER C 270 -6.45 5.57 -25.24
C SER C 270 -7.44 5.79 -26.38
N LYS C 271 -8.22 6.86 -26.31
CA LYS C 271 -8.93 7.34 -27.47
C LYS C 271 -7.89 7.89 -28.45
N SER C 272 -8.26 7.89 -29.73
CA SER C 272 -7.39 8.35 -30.80
C SER C 272 -6.97 9.80 -30.56
N ILE C 273 -5.76 10.15 -30.98
CA ILE C 273 -5.34 11.53 -30.90
C ILE C 273 -6.21 12.38 -31.82
N LEU C 274 -6.80 11.75 -32.84
CA LEU C 274 -7.66 12.41 -33.84
C LEU C 274 -9.06 12.68 -33.29
N GLU C 275 -9.39 12.09 -32.14
CA GLU C 275 -10.72 12.20 -31.56
C GLU C 275 -10.69 13.11 -30.33
N VAL C 276 -9.58 13.10 -29.57
CA VAL C 276 -9.53 13.79 -28.27
C VAL C 276 -8.39 14.80 -28.19
N GLY C 277 -7.35 14.69 -29.04
CA GLY C 277 -6.14 15.47 -28.87
C GLY C 277 -5.03 14.65 -28.22
N VAL C 278 -3.78 15.14 -28.30
CA VAL C 278 -2.60 14.41 -27.86
C VAL C 278 -2.56 14.41 -26.33
N GLN C 279 -2.91 15.55 -25.73
CA GLN C 279 -2.82 15.72 -24.30
C GLN C 279 -3.76 14.75 -23.61
N GLN C 280 -4.97 14.63 -24.14
CA GLN C 280 -5.99 13.81 -23.54
C GLN C 280 -5.62 12.33 -23.71
N ALA C 281 -5.20 11.95 -24.91
CA ALA C 281 -4.81 10.57 -25.20
C ALA C 281 -3.61 10.17 -24.34
N LEU C 282 -2.67 11.10 -24.15
CA LEU C 282 -1.39 10.77 -23.52
C LEU C 282 -1.57 10.54 -22.02
N GLN C 283 -2.46 11.31 -21.37
CA GLN C 283 -2.62 11.15 -19.93
C GLN C 283 -3.30 9.81 -19.62
N ALA C 284 -3.80 9.09 -20.64
CA ALA C 284 -4.48 7.82 -20.43
C ALA C 284 -3.51 6.64 -20.41
N VAL C 285 -2.19 6.88 -20.57
CA VAL C 285 -1.19 5.81 -20.58
C VAL C 285 0.00 6.20 -19.70
N PHE C 286 0.73 5.19 -19.25
CA PHE C 286 1.95 5.37 -18.50
C PHE C 286 3.13 5.36 -19.48
N TRP C 287 4.02 6.35 -19.33
CA TRP C 287 5.29 6.42 -20.03
C TRP C 287 6.41 6.70 -19.03
N ASP C 288 7.35 5.76 -18.92
CA ASP C 288 8.47 5.89 -17.99
C ASP C 288 9.62 6.66 -18.65
N GLU C 289 9.68 7.96 -18.34
CA GLU C 289 10.62 8.86 -18.97
C GLU C 289 12.06 8.68 -18.44
N GLU C 290 12.22 8.22 -17.19
CA GLU C 290 13.54 7.86 -16.68
C GLU C 290 14.07 6.63 -17.43
N ALA C 291 13.21 5.64 -17.63
CA ALA C 291 13.58 4.46 -18.38
C ALA C 291 13.97 4.84 -19.81
N PHE C 292 13.21 5.77 -20.40
CA PHE C 292 13.45 6.16 -21.78
C PHE C 292 14.85 6.76 -21.92
N VAL C 293 15.23 7.63 -20.99
CA VAL C 293 16.55 8.21 -21.01
C VAL C 293 17.64 7.16 -20.75
N GLU C 294 17.41 6.29 -19.76
CA GLU C 294 18.39 5.29 -19.35
C GLU C 294 18.75 4.37 -20.52
N ARG C 295 17.77 4.01 -21.36
CA ARG C 295 18.02 3.02 -22.38
C ARG C 295 18.68 3.65 -23.61
N GLY C 296 18.85 4.98 -23.60
CA GLY C 296 19.43 5.75 -24.68
C GLY C 296 18.41 6.25 -25.71
N GLY C 297 17.23 6.69 -25.25
CA GLY C 297 16.13 7.13 -26.12
C GLY C 297 16.34 8.50 -26.75
N ILE C 298 17.15 9.36 -26.10
CA ILE C 298 17.63 10.59 -26.72
C ILE C 298 19.05 10.33 -27.22
N TYR C 299 19.31 10.62 -28.51
CA TYR C 299 20.61 10.37 -29.11
C TYR C 299 20.76 11.16 -30.40
N ASP C 300 21.91 11.00 -31.07
CA ASP C 300 22.24 11.77 -32.25
C ASP C 300 21.56 11.11 -33.45
N TRP C 301 20.36 11.61 -33.71
CA TRP C 301 19.38 10.87 -34.46
C TRP C 301 19.15 11.52 -35.83
N ASN C 302 20.09 12.38 -36.24
CA ASN C 302 20.18 12.76 -37.63
C ASN C 302 21.65 13.04 -37.93
N LYS C 303 21.98 13.29 -39.20
CA LYS C 303 23.37 13.51 -39.55
C LYS C 303 23.85 14.87 -39.01
N SER C 304 22.92 15.82 -38.82
CA SER C 304 23.24 17.11 -38.23
C SER C 304 23.57 16.93 -36.75
N1 CTP D . -1.11 11.15 30.52
C2 CTP D . -1.42 12.38 31.06
N3 CTP D . -2.35 13.16 30.48
C4 CTP D . -2.93 12.74 29.33
C5 CTP D . -2.55 11.53 28.72
C6 CTP D . -1.68 10.75 29.35
O2 CTP D . -0.91 12.70 32.13
N4 CTP D . -3.80 13.54 28.77
C1' CTP D . -0.08 10.33 31.20
C2' CTP D . -0.56 8.93 31.58
O2' CTP D . -1.32 8.89 32.76
C3' CTP D . 0.79 8.20 31.67
C4' CTP D . 1.66 8.91 30.63
O4' CTP D . 0.95 10.12 30.28
O3' CTP D . 1.41 8.27 32.94
C5' CTP D . 1.95 8.09 29.39
O5' CTP D . 2.79 7.02 29.78
PA CTP D . 2.64 5.58 29.13
O1A CTP D . 2.04 5.74 27.77
O2A CTP D . 3.81 4.76 29.49
O3A CTP D . 1.48 4.92 30.05
PB CTP D . 0.87 3.43 30.08
O1B CTP D . -0.56 3.59 30.54
O2B CTP D . 1.78 2.53 30.82
O3B CTP D . 0.87 3.11 28.52
PG CTP D . 0.57 1.68 27.82
O1G CTP D . -0.11 2.08 26.56
O2G CTP D . 1.96 1.09 27.56
O3G CTP D . -0.25 0.80 28.71
FE1 SF4 E . 10.20 15.33 33.84
FE2 SF4 E . 9.65 15.06 36.45
FE3 SF4 E . 8.76 13.15 34.72
FE4 SF4 E . 7.67 15.75 34.74
S1 SF4 E . 7.45 14.24 36.44
S2 SF4 E . 8.27 14.47 33.00
S3 SF4 E . 9.50 17.01 35.30
S4 SF4 E . 10.96 13.78 35.17
N SAM F . 8.57 11.29 36.11
CA SAM F . 8.35 10.01 35.42
C SAM F . 8.89 10.13 33.98
O SAM F . 8.92 9.09 33.33
OXT SAM F . 9.17 11.27 33.58
CB SAM F . 6.87 9.59 35.38
CG SAM F . 5.86 10.69 35.14
SD SAM F . 5.87 11.59 33.56
CE SAM F . 4.71 12.88 33.94
C5' SAM F . 4.85 10.38 32.61
C4' SAM F . 5.20 10.33 31.14
O4' SAM F . 4.63 11.47 30.48
C3' SAM F . 6.70 10.37 30.83
O3' SAM F . 7.07 9.43 29.84
C2' SAM F . 6.90 11.84 30.41
O2' SAM F . 8.05 12.03 29.59
C1' SAM F . 5.60 12.08 29.66
N9 SAM F . 5.24 13.48 29.45
C8 SAM F . 5.48 14.52 30.33
N7 SAM F . 5.07 15.67 29.89
C5 SAM F . 4.53 15.40 28.65
C6 SAM F . 3.90 16.22 27.72
N6 SAM F . 3.72 17.51 27.90
N1 SAM F . 3.42 15.64 26.59
C2 SAM F . 3.60 14.32 26.45
N3 SAM F . 4.16 13.43 27.26
C4 SAM F . 4.64 14.05 28.36
FE1 SF4 G . -6.54 -9.86 8.70
FE2 SF4 G . -7.49 -12.25 7.79
FE3 SF4 G . -6.34 -10.50 6.02
FE4 SF4 G . -8.85 -9.85 7.30
S1 SF4 G . -8.34 -11.53 5.78
S2 SF4 G . -6.97 -8.47 6.89
S3 SF4 G . -8.46 -10.93 9.25
S4 SF4 G . -5.31 -11.59 7.82
N SAM H . -9.85 -7.88 8.09
CA SAM H . -11.27 -7.78 7.64
C SAM H . -11.86 -9.18 7.39
O SAM H . -11.04 -10.16 7.28
OXT SAM H . -13.10 -9.24 7.29
CB SAM H . -11.40 -6.94 6.37
CG SAM H . -10.28 -7.06 5.39
SD SAM H . -10.35 -8.61 4.42
CE SAM H . -8.91 -8.41 3.38
C5' SAM H . -11.76 -8.26 3.24
C4' SAM H . -12.48 -9.54 2.79
O4' SAM H . -11.65 -10.27 1.85
C3' SAM H . -12.80 -10.51 3.92
O3' SAM H . -14.13 -11.02 3.85
C2' SAM H . -11.73 -11.60 3.75
O2' SAM H . -12.09 -12.85 4.32
C1' SAM H . -11.64 -11.63 2.23
N9 SAM H . -10.45 -12.27 1.69
C8 SAM H . -9.19 -12.22 2.24
N7 SAM H . -8.29 -12.81 1.49
C5 SAM H . -9.01 -13.35 0.45
C6 SAM H . -8.62 -14.15 -0.65
N6 SAM H . -7.35 -14.48 -0.89
N1 SAM H . -9.56 -14.44 -1.58
C2 SAM H . -10.82 -14.03 -1.36
N3 SAM H . -11.29 -13.30 -0.36
C4 SAM H . -10.34 -12.99 0.52
N1 CTP I . -11.09 -7.27 -3.01
C2 CTP I . -9.69 -7.26 -3.15
N3 CTP I . -9.15 -7.68 -4.32
C4 CTP I . -9.94 -8.07 -5.34
C5 CTP I . -11.35 -8.08 -5.21
C6 CTP I . -11.87 -7.68 -4.05
O2 CTP I . -8.99 -6.91 -2.18
N4 CTP I . -9.38 -8.46 -6.48
C1' CTP I . -11.75 -6.88 -1.73
C2' CTP I . -12.79 -5.76 -1.83
O2' CTP I . -12.08 -4.53 -1.95
C3' CTP I . -13.56 -5.98 -0.54
C4' CTP I . -13.51 -7.52 -0.38
O4' CTP I . -12.49 -8.00 -1.28
O3' CTP I . -13.02 -5.38 0.62
C5' CTP I . -14.81 -8.17 -0.68
O5' CTP I . -15.66 -7.82 0.42
PA CTP I . -17.22 -7.54 0.23
O1A CTP I . -17.77 -8.38 -0.85
O2A CTP I . -17.78 -7.34 1.60
O3A CTP I . -17.15 -6.05 -0.41
PB CTP I . -18.39 -5.08 -0.67
O1B CTP I . -17.90 -4.07 -1.69
O2B CTP I . -19.00 -4.65 0.56
O3B CTP I . -19.44 -6.06 -1.33
PG CTP I . -20.97 -5.80 -1.84
O1G CTP I . -21.74 -6.26 -0.75
O2G CTP I . -21.16 -4.32 -2.07
O3G CTP I . -21.15 -6.67 -3.08
N SAM J . 7.92 -5.55 -39.03
CA SAM J . 9.07 -4.64 -38.75
C SAM J . 10.25 -5.42 -38.17
O SAM J . 10.00 -6.47 -37.60
OXT SAM J . 11.36 -4.94 -38.26
CB SAM J . 8.63 -3.55 -37.76
CG SAM J . 7.55 -3.93 -36.80
SD SAM J . 8.23 -4.83 -35.41
CE SAM J . 6.77 -5.28 -34.45
C5' SAM J . 9.02 -3.51 -34.42
C4' SAM J . 10.30 -4.02 -33.74
O4' SAM J . 9.95 -4.77 -32.55
C3' SAM J . 11.19 -4.97 -34.58
O3' SAM J . 12.58 -4.76 -34.54
C2' SAM J . 11.03 -6.34 -33.92
O2' SAM J . 12.19 -7.13 -34.17
C1' SAM J . 10.77 -5.92 -32.49
N9 SAM J . 10.09 -6.96 -31.74
C8 SAM J . 9.10 -7.78 -32.22
N7 SAM J . 8.68 -8.65 -31.34
C5 SAM J . 9.44 -8.39 -30.22
C6 SAM J . 9.46 -8.98 -28.94
N6 SAM J . 8.66 -9.99 -28.61
N1 SAM J . 10.33 -8.48 -28.03
C2 SAM J . 11.13 -7.47 -28.40
N3 SAM J . 11.20 -6.84 -29.57
C4 SAM J . 10.32 -7.35 -30.44
N1 CTP K . 7.58 -1.37 -28.43
C2 CTP K . 6.33 -1.98 -28.20
N3 CTP K . 5.95 -2.19 -26.92
C4 CTP K . 6.73 -1.81 -25.89
C5 CTP K . 7.99 -1.21 -26.10
C6 CTP K . 8.37 -1.00 -27.37
O2 CTP K . 5.60 -2.29 -29.15
N4 CTP K . 6.29 -2.07 -24.67
C1' CTP K . 8.07 -1.14 -29.82
C2' CTP K . 8.29 0.32 -30.18
O2' CTP K . 7.06 0.95 -30.51
C3' CTP K . 9.30 0.20 -31.32
C4' CTP K . 10.05 -1.12 -31.00
O4' CTP K . 9.36 -1.71 -29.86
O3' CTP K . 8.68 0.05 -32.61
C5' CTP K . 11.51 -1.00 -30.70
O5' CTP K . 12.12 -0.56 -31.90
PA CTP K . 13.28 0.50 -31.95
O1A CTP K . 14.13 0.27 -30.78
O2A CTP K . 13.75 0.56 -33.36
O3A CTP K . 12.47 1.88 -31.66
PB CTP K . 12.98 3.38 -31.89
O1B CTP K . 11.95 4.21 -31.14
O2B CTP K . 13.29 3.67 -33.32
O3B CTP K . 14.34 3.29 -31.12
PG CTP K . 15.53 4.36 -30.90
O1G CTP K . 16.58 3.97 -31.85
O2G CTP K . 15.00 5.71 -31.09
O3G CTP K . 15.92 4.11 -29.46
FE1 SF4 L . 8.48 -7.62 -37.75
FE2 SF4 L . 8.76 -10.38 -37.54
FE3 SF4 L . 6.77 -9.22 -39.00
FE4 SF4 L . 6.65 -9.35 -36.39
S1 SF4 L . 6.53 -10.95 -37.57
S2 SF4 L . 6.63 -7.40 -37.53
S3 SF4 L . 8.86 -8.91 -35.81
S4 SF4 L . 8.92 -9.24 -39.49
#